data_3M6M
#
_entry.id   3M6M
#
_cell.length_a   130.913
_cell.length_b   130.913
_cell.length_c   156.471
_cell.angle_alpha   90.00
_cell.angle_beta   90.00
_cell.angle_gamma   120.00
#
_symmetry.space_group_name_H-M   'P 65'
#
loop_
_entity.id
_entity.type
_entity.pdbx_description
1 polymer 'RpfF protein'
2 polymer 'Sensory/regulatory protein rpfC'
3 non-polymer 'IODIDE ION'
4 non-polymer 1,2-ETHANEDIOL
5 non-polymer 'MAGNESIUM ION'
6 water water
#
loop_
_entity_poly.entity_id
_entity_poly.type
_entity_poly.pdbx_seq_one_letter_code
_entity_poly.pdbx_strand_id
1 'polypeptide(L)'
;MGSSHHHHHHSQDPNSMSAVQPFIRTNIGSTLRIIEEPQRDVYWIHMHADLAINPGRACFSTRLVDDITGYQTNLGQRLN
TAGVLAPHVVLASDSDVFNLGGDLALFCQLIREGDRARLLDYAQRCVRGVHAFHVGLGARAHSIALVQGNALGGGFEAAL
SCHTIIAEEGVMMGLPEVLFDLFPGMGAYSFMCQRISAHLAQKIMLEGNLYSAEQLLGMGLVDRVVPRGQGVAAVEQVIR
ESKRTPHAWAAMQQVREMTTAVPLEEMMRITEIWVDTAMQLGEKSLRTMDRLVRAQSRRSGLDAG
;
A,B,C
2 'polypeptide(L)'
;MSNPFLRHRARVRSMRMLVADDHEANRMVLQRLLEKAGHKVLCVNGAEQVLDAMAEEDYDAVIVDLHMPGMNGLDMLKQL
RVMQASGMRYTPVVVLSADVTPEAIRACEQAGARAFLAKPVVAAKLLDTLADLAVSTRQLATP
;
D,E,F
#
# COMPACT_ATOMS: atom_id res chain seq x y z
N SER A 30 -18.89 34.26 11.28
CA SER A 30 -19.78 34.47 10.11
C SER A 30 -19.19 33.94 8.80
N THR A 31 -18.00 33.35 8.89
CA THR A 31 -17.39 32.65 7.75
C THR A 31 -17.99 31.25 7.61
N LEU A 32 -18.72 30.82 8.65
CA LEU A 32 -19.34 29.50 8.69
C LEU A 32 -20.85 29.58 8.70
N ARG A 33 -21.50 28.62 8.06
CA ARG A 33 -22.92 28.39 8.20
C ARG A 33 -23.10 27.04 8.88
N ILE A 34 -23.60 27.06 10.11
CA ILE A 34 -23.71 25.87 10.94
C ILE A 34 -25.15 25.33 10.91
N ILE A 35 -25.29 24.07 10.55
CA ILE A 35 -26.58 23.39 10.60
C ILE A 35 -26.49 22.25 11.61
N GLU A 36 -27.24 22.37 12.70
CA GLU A 36 -27.24 21.39 13.78
C GLU A 36 -28.51 20.55 13.82
N GLU A 37 -28.35 19.25 13.95
CA GLU A 37 -29.46 18.32 14.16
C GLU A 37 -29.29 17.61 15.50
N PRO A 38 -29.69 18.27 16.59
CA PRO A 38 -29.42 17.79 17.96
C PRO A 38 -29.99 16.41 18.31
N GLN A 39 -31.16 16.07 17.75
CA GLN A 39 -31.83 14.80 18.09
C GLN A 39 -31.23 13.60 17.35
N ARG A 40 -30.42 13.90 16.33
CA ARG A 40 -29.75 12.89 15.51
C ARG A 40 -28.24 12.98 15.71
N ASP A 41 -27.80 14.05 16.37
CA ASP A 41 -26.38 14.34 16.61
C ASP A 41 -25.54 14.40 15.33
N VAL A 42 -26.07 15.07 14.31
CA VAL A 42 -25.36 15.34 13.07
C VAL A 42 -25.15 16.85 12.96
N TYR A 43 -23.91 17.26 12.64
CA TYR A 43 -23.55 18.67 12.63
C TYR A 43 -22.80 19.05 11.36
N TRP A 44 -23.35 20.02 10.63
CA TRP A 44 -22.82 20.44 9.33
C TRP A 44 -22.05 21.75 9.43
N ILE A 45 -20.81 21.73 8.97
CA ILE A 45 -19.97 22.93 8.90
C ILE A 45 -19.77 23.33 7.44
N HIS A 46 -20.42 24.42 7.05
CA HIS A 46 -20.28 24.95 5.69
C HIS A 46 -19.32 26.13 5.67
N MET A 47 -18.17 25.95 5.03
CA MET A 47 -17.16 27.00 4.90
C MET A 47 -17.60 28.06 3.90
N HIS A 48 -17.05 29.27 4.07
CA HIS A 48 -17.23 30.38 3.14
C HIS A 48 -18.67 30.86 3.00
N ALA A 49 -19.34 31.01 4.15
CA ALA A 49 -20.74 31.43 4.20
C ALA A 49 -20.96 32.88 3.77
N ASP A 50 -19.96 33.72 3.99
CA ASP A 50 -20.07 35.15 3.67
C ASP A 50 -19.30 35.54 2.40
N ARG A 57 -11.87 35.43 -1.61
CA ARG A 57 -11.01 34.26 -1.79
C ARG A 57 -11.42 33.13 -0.85
N ALA A 58 -11.71 31.96 -1.43
CA ALA A 58 -12.20 30.81 -0.67
C ALA A 58 -11.04 29.98 -0.10
N CYS A 59 -10.28 30.61 0.79
CA CYS A 59 -9.11 30.00 1.40
C CYS A 59 -9.23 30.01 2.92
N PHE A 60 -8.28 29.39 3.60
CA PHE A 60 -8.22 29.43 5.07
C PHE A 60 -7.66 30.75 5.55
N SER A 61 -8.53 31.76 5.65
CA SER A 61 -8.18 33.03 6.26
C SER A 61 -8.16 32.87 7.78
N THR A 62 -7.52 33.82 8.47
CA THR A 62 -7.46 33.82 9.93
C THR A 62 -8.86 33.75 10.55
N ARG A 63 -9.80 34.50 9.99
CA ARG A 63 -11.19 34.49 10.46
C ARG A 63 -11.83 33.11 10.33
N LEU A 64 -11.63 32.46 9.18
CA LEU A 64 -12.21 31.14 8.93
C LEU A 64 -11.63 30.09 9.88
N VAL A 65 -10.31 30.15 10.08
CA VAL A 65 -9.62 29.23 10.99
C VAL A 65 -10.11 29.37 12.44
N ASP A 66 -10.18 30.62 12.91
CA ASP A 66 -10.67 30.91 14.26
C ASP A 66 -12.13 30.47 14.47
N ASP A 67 -12.95 30.64 13.43
CA ASP A 67 -14.35 30.23 13.47
C ASP A 67 -14.51 28.71 13.54
N ILE A 68 -13.68 28.00 12.78
CA ILE A 68 -13.69 26.53 12.82
C ILE A 68 -13.23 26.00 14.17
N THR A 69 -12.06 26.42 14.63
CA THR A 69 -11.52 25.97 15.92
C THR A 69 -12.45 26.34 17.08
N GLY A 70 -13.02 27.54 16.99
CA GLY A 70 -13.98 28.02 17.98
C GLY A 70 -15.23 27.17 18.05
N TYR A 71 -15.75 26.77 16.89
CA TYR A 71 -16.91 25.89 16.83
C TYR A 71 -16.59 24.46 17.26
N GLN A 72 -15.42 23.96 16.83
CA GLN A 72 -14.94 22.62 17.22
C GLN A 72 -14.87 22.46 18.73
N THR A 73 -14.26 23.45 19.38
CA THR A 73 -14.14 23.50 20.84
C THR A 73 -15.51 23.57 21.51
N ASN A 74 -16.38 24.44 20.99
CA ASN A 74 -17.74 24.60 21.50
C ASN A 74 -18.57 23.32 21.38
N LEU A 75 -18.63 22.76 20.17
CA LEU A 75 -19.43 21.57 19.91
C LEU A 75 -18.89 20.35 20.66
N GLY A 76 -17.58 20.21 20.68
CA GLY A 76 -16.92 19.12 21.39
C GLY A 76 -17.21 19.08 22.88
N GLN A 77 -17.21 20.25 23.51
CA GLN A 77 -17.52 20.39 24.94
C GLN A 77 -18.99 20.06 25.23
N ARG A 78 -19.89 20.49 24.35
CA ARG A 78 -21.31 20.18 24.47
C ARG A 78 -21.59 18.68 24.31
N LEU A 79 -20.87 18.04 23.38
CA LEU A 79 -21.01 16.62 23.13
C LEU A 79 -20.46 15.75 24.26
N ASN A 80 -19.35 16.19 24.86
CA ASN A 80 -18.75 15.49 26.00
C ASN A 80 -19.62 15.54 27.26
N THR A 81 -20.13 16.72 27.59
CA THR A 81 -20.95 16.92 28.79
C THR A 81 -22.31 16.23 28.68
N ALA A 82 -22.81 16.10 27.45
CA ALA A 82 -24.07 15.41 27.19
C ALA A 82 -23.85 13.89 27.00
N GLY A 83 -22.58 13.49 26.98
CA GLY A 83 -22.21 12.08 26.85
C GLY A 83 -22.65 11.43 25.55
N VAL A 84 -22.63 12.20 24.46
CA VAL A 84 -23.08 11.73 23.15
C VAL A 84 -22.12 10.68 22.60
N LEU A 85 -22.68 9.55 22.17
CA LEU A 85 -21.91 8.46 21.60
C LEU A 85 -21.87 8.55 20.07
N ALA A 86 -20.66 8.64 19.53
CA ALA A 86 -20.39 8.67 18.08
C ALA A 86 -21.19 9.72 17.29
N PRO A 87 -21.03 11.01 17.64
CA PRO A 87 -21.68 12.07 16.86
C PRO A 87 -21.06 12.20 15.47
N HIS A 88 -21.78 12.85 14.56
CA HIS A 88 -21.28 13.04 13.19
C HIS A 88 -21.05 14.49 12.85
N VAL A 89 -19.85 14.80 12.38
CA VAL A 89 -19.48 16.15 11.98
C VAL A 89 -19.12 16.16 10.49
N VAL A 90 -19.76 17.03 9.74
CA VAL A 90 -19.53 17.14 8.29
C VAL A 90 -18.87 18.48 7.94
N LEU A 91 -17.76 18.41 7.21
CA LEU A 91 -17.08 19.59 6.71
C LEU A 91 -17.43 19.77 5.23
N ALA A 92 -18.13 20.86 4.94
CA ALA A 92 -18.60 21.17 3.59
C ALA A 92 -18.30 22.63 3.22
N SER A 93 -18.71 23.02 2.02
CA SER A 93 -18.48 24.36 1.52
C SER A 93 -19.71 24.94 0.85
N ASP A 94 -19.92 26.25 1.03
CA ASP A 94 -21.00 26.98 0.36
C ASP A 94 -20.52 27.63 -0.95
N SER A 95 -19.22 27.58 -1.17
CA SER A 95 -18.61 28.12 -2.39
C SER A 95 -18.67 27.08 -3.52
N ASP A 96 -18.30 27.49 -4.74
CA ASP A 96 -18.23 26.57 -5.86
C ASP A 96 -16.93 25.75 -5.84
N VAL A 97 -16.02 26.12 -4.95
CA VAL A 97 -14.88 25.27 -4.60
C VAL A 97 -14.99 24.81 -3.15
N PHE A 98 -14.21 23.79 -2.77
CA PHE A 98 -14.18 23.33 -1.39
C PHE A 98 -13.34 24.28 -0.53
N ASN A 99 -12.05 24.38 -0.86
CA ASN A 99 -11.12 25.28 -0.17
C ASN A 99 -9.78 25.32 -0.92
N LEU A 100 -9.29 26.52 -1.17
CA LEU A 100 -8.09 26.69 -1.99
C LEU A 100 -6.78 26.74 -1.18
N GLY A 101 -6.89 26.56 0.14
CA GLY A 101 -5.72 26.38 1.00
C GLY A 101 -5.38 27.56 1.87
N GLY A 102 -4.07 27.77 2.07
CA GLY A 102 -3.58 28.86 2.91
C GLY A 102 -3.86 30.24 2.36
N ASP A 103 -3.95 31.23 3.26
CA ASP A 103 -4.11 32.62 2.87
C ASP A 103 -2.77 33.15 2.35
N LEU A 104 -2.57 33.00 1.05
CA LEU A 104 -1.31 33.37 0.40
C LEU A 104 -0.99 34.86 0.50
N ALA A 105 -2.02 35.70 0.40
CA ALA A 105 -1.86 37.15 0.54
C ALA A 105 -1.31 37.51 1.92
N LEU A 106 -1.77 36.79 2.94
CA LEU A 106 -1.23 36.91 4.29
C LEU A 106 0.20 36.39 4.36
N PHE A 107 0.46 35.26 3.69
CA PHE A 107 1.81 34.68 3.65
C PHE A 107 2.81 35.68 3.07
N CYS A 108 2.50 36.21 1.88
CA CYS A 108 3.35 37.17 1.20
C CYS A 108 3.73 38.34 2.09
N GLN A 109 2.73 38.88 2.80
CA GLN A 109 2.93 40.02 3.67
C GLN A 109 3.85 39.73 4.85
N LEU A 110 3.59 38.62 5.55
CA LEU A 110 4.36 38.24 6.74
C LEU A 110 5.82 37.85 6.41
N ILE A 111 6.00 37.20 5.26
CA ILE A 111 7.34 36.83 4.78
C ILE A 111 8.16 38.08 4.44
N ARG A 112 7.54 39.02 3.72
CA ARG A 112 8.20 40.28 3.35
C ARG A 112 8.54 41.15 4.57
N GLU A 113 7.69 41.08 5.59
CA GLU A 113 7.88 41.85 6.82
C GLU A 113 8.78 41.13 7.84
N GLY A 114 9.05 39.85 7.60
CA GLY A 114 9.89 39.06 8.50
C GLY A 114 9.22 38.67 9.81
N ASP A 115 7.89 38.65 9.79
CA ASP A 115 7.09 38.37 10.98
C ASP A 115 6.87 36.86 11.17
N ARG A 116 7.89 36.19 11.68
CA ARG A 116 7.85 34.75 11.95
C ARG A 116 6.80 34.39 13.00
N ALA A 117 6.72 35.21 14.06
CA ALA A 117 5.81 34.97 15.19
C ALA A 117 4.35 34.85 14.77
N ARG A 118 3.89 35.76 13.91
CA ARG A 118 2.50 35.75 13.47
C ARG A 118 2.22 34.63 12.46
N LEU A 119 3.20 34.31 11.63
CA LEU A 119 3.05 33.21 10.67
C LEU A 119 2.99 31.86 11.39
N LEU A 120 3.80 31.71 12.44
CA LEU A 120 3.79 30.50 13.26
C LEU A 120 2.43 30.36 13.95
N ASP A 121 1.94 31.47 14.49
CA ASP A 121 0.64 31.53 15.14
C ASP A 121 -0.48 31.05 14.21
N TYR A 122 -0.47 31.54 12.97
CA TYR A 122 -1.44 31.14 11.96
C TYR A 122 -1.34 29.64 11.67
N ALA A 123 -0.10 29.17 11.47
CA ALA A 123 0.17 27.79 11.13
C ALA A 123 -0.26 26.83 12.23
N GLN A 124 -0.02 27.22 13.48
CA GLN A 124 -0.40 26.41 14.63
C GLN A 124 -1.92 26.30 14.79
N ARG A 125 -2.62 27.39 14.49
CA ARG A 125 -4.08 27.40 14.56
C ARG A 125 -4.71 26.55 13.46
N CYS A 126 -4.05 26.51 12.29
CA CYS A 126 -4.48 25.65 11.19
C CYS A 126 -4.34 24.18 11.56
N VAL A 127 -3.24 23.87 12.24
CA VAL A 127 -2.97 22.52 12.75
C VAL A 127 -4.06 22.07 13.73
N ARG A 128 -4.42 22.94 14.68
CA ARG A 128 -5.46 22.62 15.66
C ARG A 128 -6.80 22.31 15.00
N GLY A 129 -7.13 23.06 13.96
CA GLY A 129 -8.36 22.85 13.20
C GLY A 129 -8.42 21.48 12.56
N VAL A 130 -7.38 21.13 11.81
CA VAL A 130 -7.36 19.84 11.11
C VAL A 130 -7.13 18.64 12.03
N HIS A 131 -6.36 18.83 13.11
CA HIS A 131 -6.15 17.74 14.07
C HIS A 131 -7.45 17.40 14.83
N ALA A 132 -8.25 18.42 15.13
CA ALA A 132 -9.53 18.22 15.80
C ALA A 132 -10.46 17.31 15.00
N PHE A 133 -10.49 17.49 13.67
CA PHE A 133 -11.26 16.58 12.80
C PHE A 133 -10.70 15.16 12.84
N HIS A 134 -9.37 15.05 12.91
CA HIS A 134 -8.68 13.76 12.93
C HIS A 134 -8.97 12.95 14.19
N VAL A 135 -9.13 13.62 15.33
CA VAL A 135 -9.43 12.94 16.59
C VAL A 135 -10.90 13.07 17.01
N GLY A 136 -11.74 13.51 16.08
CA GLY A 136 -13.19 13.61 16.29
C GLY A 136 -13.60 14.63 17.33
N LEU A 137 -12.94 15.78 17.31
CA LEU A 137 -13.27 16.92 18.19
C LEU A 137 -13.08 16.64 19.68
N GLY A 138 -12.38 15.56 20.00
CA GLY A 138 -12.22 15.12 21.39
C GLY A 138 -13.49 14.51 21.96
N ALA A 139 -14.43 14.20 21.07
CA ALA A 139 -15.71 13.60 21.46
C ALA A 139 -15.98 12.32 20.65
N ARG A 140 -14.92 11.79 20.05
CA ARG A 140 -14.96 10.56 19.25
C ARG A 140 -15.98 10.63 18.11
N ALA A 141 -16.05 11.79 17.48
CA ALA A 141 -16.97 12.03 16.38
C ALA A 141 -16.51 11.35 15.10
N HIS A 142 -17.45 11.09 14.20
CA HIS A 142 -17.15 10.68 12.85
C HIS A 142 -17.08 11.93 11.98
N SER A 143 -15.87 12.25 11.53
CA SER A 143 -15.64 13.40 10.67
C SER A 143 -15.75 13.02 9.19
N ILE A 144 -16.62 13.71 8.47
CA ILE A 144 -16.85 13.45 7.05
C ILE A 144 -16.58 14.71 6.24
N ALA A 145 -15.69 14.59 5.27
CA ALA A 145 -15.42 15.67 4.34
C ALA A 145 -16.30 15.53 3.11
N LEU A 146 -17.09 16.56 2.82
CA LEU A 146 -17.91 16.59 1.62
C LEU A 146 -17.29 17.57 0.63
N VAL A 147 -16.66 17.02 -0.39
CA VAL A 147 -15.89 17.82 -1.35
C VAL A 147 -16.64 17.89 -2.69
N GLN A 148 -17.30 19.02 -2.92
CA GLN A 148 -18.15 19.23 -4.09
C GLN A 148 -17.54 20.24 -5.07
N GLY A 149 -16.39 20.78 -4.68
CA GLY A 149 -15.61 21.68 -5.52
C GLY A 149 -14.14 21.40 -5.27
N ASN A 150 -13.27 22.10 -5.98
CA ASN A 150 -11.83 21.89 -5.88
C ASN A 150 -11.25 22.12 -4.48
N ALA A 151 -10.33 21.24 -4.09
CA ALA A 151 -9.67 21.33 -2.79
C ALA A 151 -8.14 21.32 -2.96
N LEU A 152 -7.53 22.48 -2.76
CA LEU A 152 -6.09 22.65 -3.02
C LEU A 152 -5.31 22.99 -1.76
N GLY A 153 -4.12 22.43 -1.64
CA GLY A 153 -3.22 22.69 -0.52
C GLY A 153 -3.87 22.39 0.82
N GLY A 154 -3.94 23.41 1.68
CA GLY A 154 -4.60 23.29 2.98
C GLY A 154 -6.03 22.77 2.87
N GLY A 155 -6.70 23.10 1.76
CA GLY A 155 -8.05 22.61 1.49
C GLY A 155 -8.10 21.10 1.35
N PHE A 156 -7.11 20.55 0.63
CA PHE A 156 -6.99 19.11 0.47
C PHE A 156 -6.56 18.46 1.79
N GLU A 157 -5.70 19.15 2.54
CA GLU A 157 -5.25 18.69 3.86
C GLU A 157 -6.39 18.61 4.86
N ALA A 158 -7.33 19.56 4.76
CA ALA A 158 -8.52 19.59 5.62
C ALA A 158 -9.46 18.43 5.34
N ALA A 159 -9.57 18.06 4.07
CA ALA A 159 -10.36 16.90 3.65
C ALA A 159 -9.72 15.61 4.16
N LEU A 160 -8.39 15.56 4.07
CA LEU A 160 -7.60 14.39 4.53
C LEU A 160 -7.60 14.23 6.04
N SER A 161 -7.94 15.30 6.76
CA SER A 161 -8.02 15.27 8.22
C SER A 161 -9.29 14.57 8.71
N CYS A 162 -10.28 14.48 7.83
CA CYS A 162 -11.53 13.79 8.15
C CYS A 162 -11.37 12.28 7.95
N HIS A 163 -12.24 11.52 8.61
CA HIS A 163 -12.18 10.06 8.58
C HIS A 163 -12.71 9.49 7.27
N THR A 164 -13.65 10.20 6.65
CA THR A 164 -14.25 9.79 5.39
C THR A 164 -14.29 10.96 4.43
N ILE A 165 -13.85 10.74 3.19
CA ILE A 165 -13.88 11.76 2.16
C ILE A 165 -14.85 11.37 1.05
N ILE A 166 -15.92 12.15 0.90
CA ILE A 166 -16.87 12.00 -0.18
C ILE A 166 -16.60 13.09 -1.22
N ALA A 167 -16.37 12.68 -2.46
CA ALA A 167 -16.08 13.59 -3.55
C ALA A 167 -17.08 13.44 -4.70
N GLU A 168 -17.42 14.56 -5.34
CA GLU A 168 -18.26 14.53 -6.53
C GLU A 168 -17.40 14.49 -7.79
N GLU A 169 -17.95 13.91 -8.85
CA GLU A 169 -17.25 13.82 -10.13
C GLU A 169 -16.85 15.19 -10.66
N GLY A 170 -15.66 15.27 -11.24
CA GLY A 170 -15.15 16.52 -11.81
C GLY A 170 -14.39 17.40 -10.85
N VAL A 171 -14.35 17.00 -9.58
CA VAL A 171 -13.62 17.71 -8.54
C VAL A 171 -12.12 17.43 -8.64
N MET A 172 -11.31 18.47 -8.51
CA MET A 172 -9.86 18.34 -8.55
C MET A 172 -9.26 18.61 -7.19
N MET A 173 -8.30 17.78 -6.78
CA MET A 173 -7.57 18.02 -5.54
C MET A 173 -6.07 17.88 -5.77
N GLY A 174 -5.28 18.58 -4.95
CA GLY A 174 -3.84 18.51 -5.04
C GLY A 174 -3.12 19.42 -4.07
N LEU A 175 -1.79 19.38 -4.13
CA LEU A 175 -0.96 20.13 -3.22
C LEU A 175 0.04 20.99 -4.01
N PRO A 176 -0.39 22.22 -4.38
CA PRO A 176 0.41 23.06 -5.28
C PRO A 176 1.46 23.93 -4.60
N GLU A 177 1.68 23.78 -3.30
CA GLU A 177 2.61 24.66 -2.58
C GLU A 177 4.07 24.55 -3.03
N VAL A 178 4.44 23.42 -3.63
CA VAL A 178 5.78 23.25 -4.22
C VAL A 178 6.02 24.20 -5.39
N LEU A 179 4.95 24.61 -6.05
CA LEU A 179 5.05 25.50 -7.20
C LEU A 179 5.58 26.89 -6.82
N PHE A 180 5.42 27.26 -5.56
CA PHE A 180 6.10 28.43 -5.01
C PHE A 180 7.14 28.06 -3.94
N ASP A 181 7.74 26.88 -4.12
CA ASP A 181 8.87 26.39 -3.32
C ASP A 181 8.57 26.18 -1.82
N LEU A 182 7.33 25.84 -1.51
CA LEU A 182 6.94 25.49 -0.15
C LEU A 182 6.45 24.05 -0.13
N PHE A 183 6.01 23.56 1.03
CA PHE A 183 5.44 22.23 1.13
C PHE A 183 4.17 22.25 1.98
N PRO A 184 3.28 21.24 1.83
CA PRO A 184 2.07 21.22 2.64
C PRO A 184 2.38 20.85 4.08
N GLY A 185 2.20 21.81 4.99
CA GLY A 185 2.56 21.62 6.40
C GLY A 185 1.39 21.52 7.37
N MET A 186 0.17 21.43 6.84
CA MET A 186 -1.04 21.29 7.67
C MET A 186 -1.45 19.83 7.85
N GLY A 187 -0.48 18.92 7.77
CA GLY A 187 -0.73 17.50 8.00
C GLY A 187 -0.87 16.62 6.77
N ALA A 188 -0.56 17.15 5.59
CA ALA A 188 -0.62 16.35 4.36
C ALA A 188 0.13 15.02 4.51
N TYR A 189 1.39 15.10 4.93
CA TYR A 189 2.24 13.92 5.09
C TYR A 189 1.69 12.96 6.14
N SER A 190 1.29 13.51 7.28
CA SER A 190 0.75 12.72 8.39
C SER A 190 -0.53 11.98 8.01
N PHE A 191 -1.41 12.66 7.27
CA PHE A 191 -2.70 12.07 6.92
C PHE A 191 -2.63 11.09 5.77
N MET A 192 -1.80 11.40 4.77
CA MET A 192 -1.60 10.48 3.64
C MET A 192 -0.94 9.17 4.05
N CYS A 193 -0.03 9.24 5.02
CA CYS A 193 0.66 8.03 5.53
C CYS A 193 -0.28 7.02 6.19
N GLN A 194 -1.50 7.45 6.48
CA GLN A 194 -2.54 6.56 6.98
C GLN A 194 -3.15 5.75 5.84
N ARG A 195 -3.03 6.26 4.61
CA ARG A 195 -3.70 5.67 3.45
C ARG A 195 -2.75 5.03 2.44
N ILE A 196 -1.58 5.66 2.24
CA ILE A 196 -0.58 5.18 1.29
C ILE A 196 0.79 5.12 1.95
N SER A 197 1.79 4.65 1.22
CA SER A 197 3.16 4.57 1.71
C SER A 197 3.77 5.95 1.94
N ALA A 198 4.76 5.99 2.83
CA ALA A 198 5.52 7.21 3.11
C ALA A 198 6.21 7.75 1.86
N HIS A 199 6.72 6.85 1.03
CA HIS A 199 7.42 7.23 -0.20
C HIS A 199 6.49 7.86 -1.23
N LEU A 200 5.33 7.25 -1.48
CA LEU A 200 4.35 7.81 -2.41
C LEU A 200 3.78 9.14 -1.91
N ALA A 201 3.56 9.24 -0.60
CA ALA A 201 3.13 10.50 0.02
C ALA A 201 4.12 11.63 -0.27
N GLN A 202 5.40 11.33 -0.17
CA GLN A 202 6.49 12.27 -0.50
C GLN A 202 6.45 12.74 -1.95
N LYS A 203 6.28 11.80 -2.88
CA LYS A 203 6.18 12.12 -4.31
C LYS A 203 5.05 13.10 -4.58
N ILE A 204 3.85 12.77 -4.08
CA ILE A 204 2.66 13.57 -4.30
C ILE A 204 2.84 14.99 -3.78
N MET A 205 3.49 15.12 -2.62
CA MET A 205 3.74 16.43 -2.01
C MET A 205 4.74 17.28 -2.80
N LEU A 206 5.65 16.63 -3.53
CA LEU A 206 6.71 17.35 -4.23
C LEU A 206 6.55 17.48 -5.75
N GLU A 207 5.55 16.81 -6.31
CA GLU A 207 5.30 16.88 -7.75
C GLU A 207 4.42 18.07 -8.14
N GLY A 208 3.43 18.38 -7.28
CA GLY A 208 2.55 19.52 -7.52
C GLY A 208 1.56 19.30 -8.65
N ASN A 209 1.07 18.07 -8.76
CA ASN A 209 0.04 17.71 -9.73
C ASN A 209 -1.34 17.80 -9.11
N LEU A 210 -2.34 18.07 -9.94
CA LEU A 210 -3.73 17.97 -9.52
C LEU A 210 -4.30 16.63 -9.97
N TYR A 211 -5.19 16.07 -9.16
CA TYR A 211 -5.80 14.79 -9.46
C TYR A 211 -7.31 14.91 -9.41
N SER A 212 -7.99 14.22 -10.32
CA SER A 212 -9.45 14.15 -10.30
C SER A 212 -9.92 13.23 -9.18
N ALA A 213 -11.19 13.32 -8.84
CA ALA A 213 -11.79 12.48 -7.81
C ALA A 213 -11.62 10.99 -8.11
N GLU A 214 -11.84 10.61 -9.37
CA GLU A 214 -11.71 9.21 -9.82
C GLU A 214 -10.27 8.70 -9.64
N GLN A 215 -9.30 9.54 -9.96
CA GLN A 215 -7.88 9.19 -9.79
C GLN A 215 -7.53 9.00 -8.31
N LEU A 216 -7.99 9.93 -7.47
CA LEU A 216 -7.75 9.85 -6.03
C LEU A 216 -8.39 8.62 -5.39
N LEU A 217 -9.55 8.22 -5.91
CA LEU A 217 -10.22 7.01 -5.46
C LEU A 217 -9.35 5.77 -5.70
N GLY A 218 -8.78 5.68 -6.91
CA GLY A 218 -7.88 4.59 -7.27
C GLY A 218 -6.61 4.57 -6.45
N MET A 219 -6.16 5.76 -6.05
CA MET A 219 -4.97 5.92 -5.22
C MET A 219 -5.24 5.66 -3.74
N GLY A 220 -6.52 5.58 -3.36
CA GLY A 220 -6.92 5.35 -1.97
C GLY A 220 -6.94 6.62 -1.11
N LEU A 221 -6.88 7.78 -1.76
CA LEU A 221 -6.85 9.06 -1.05
C LEU A 221 -8.24 9.67 -0.89
N VAL A 222 -9.22 9.06 -1.55
CA VAL A 222 -10.63 9.43 -1.45
C VAL A 222 -11.43 8.15 -1.27
N ASP A 223 -12.49 8.22 -0.48
CA ASP A 223 -13.24 7.02 -0.09
C ASP A 223 -14.44 6.72 -0.98
N ARG A 224 -15.04 7.76 -1.55
CA ARG A 224 -16.19 7.59 -2.45
C ARG A 224 -16.34 8.72 -3.45
N VAL A 225 -16.63 8.35 -4.69
CA VAL A 225 -16.91 9.31 -5.76
C VAL A 225 -18.34 9.11 -6.26
N VAL A 226 -19.12 10.19 -6.25
CA VAL A 226 -20.52 10.17 -6.67
C VAL A 226 -20.76 11.22 -7.76
N PRO A 227 -21.84 11.07 -8.56
CA PRO A 227 -22.16 12.07 -9.58
C PRO A 227 -22.42 13.46 -9.01
N ARG A 228 -22.29 14.48 -9.85
CA ARG A 228 -22.54 15.88 -9.47
C ARG A 228 -23.91 16.05 -8.81
N GLY A 229 -23.93 16.72 -7.67
CA GLY A 229 -25.16 17.00 -6.95
C GLY A 229 -25.74 15.82 -6.18
N GLN A 230 -24.92 14.80 -5.92
CA GLN A 230 -25.35 13.61 -5.19
C GLN A 230 -24.57 13.41 -3.89
N GLY A 231 -23.69 14.37 -3.59
CA GLY A 231 -22.79 14.28 -2.43
C GLY A 231 -23.50 14.22 -1.09
N VAL A 232 -24.53 15.05 -0.92
CA VAL A 232 -25.29 15.12 0.32
C VAL A 232 -25.95 13.77 0.64
N ALA A 233 -26.58 13.17 -0.37
CA ALA A 233 -27.20 11.84 -0.24
C ALA A 233 -26.17 10.76 0.11
N ALA A 234 -24.97 10.88 -0.46
CA ALA A 234 -23.88 9.94 -0.17
C ALA A 234 -23.38 10.07 1.26
N VAL A 235 -23.30 11.30 1.75
CA VAL A 235 -22.96 11.59 3.15
C VAL A 235 -24.02 11.01 4.09
N GLU A 236 -25.29 11.19 3.73
CA GLU A 236 -26.42 10.68 4.52
C GLU A 236 -26.38 9.16 4.65
N GLN A 237 -25.96 8.48 3.58
CA GLN A 237 -25.80 7.03 3.61
C GLN A 237 -24.67 6.58 4.52
N VAL A 238 -23.57 7.33 4.52
CA VAL A 238 -22.45 7.07 5.41
C VAL A 238 -22.86 7.28 6.87
N ILE A 239 -23.54 8.39 7.14
CA ILE A 239 -24.05 8.71 8.47
C ILE A 239 -24.98 7.59 8.97
N ARG A 240 -25.96 7.22 8.14
CA ARG A 240 -26.94 6.19 8.48
C ARG A 240 -26.29 4.83 8.72
N GLU A 241 -25.19 4.58 8.03
CA GLU A 241 -24.43 3.33 8.16
C GLU A 241 -23.71 3.22 9.50
N SER A 242 -23.05 4.31 9.92
CA SER A 242 -22.30 4.31 11.17
C SER A 242 -23.14 4.69 12.39
N LYS A 243 -24.34 5.21 12.17
CA LYS A 243 -25.28 5.51 13.25
C LYS A 243 -25.81 4.24 13.89
N ARG A 244 -25.85 3.15 13.14
CA ARG A 244 -26.33 1.88 13.66
C ARG A 244 -25.25 1.10 14.43
N THR A 245 -24.00 1.52 14.30
CA THR A 245 -22.91 0.93 15.06
C THR A 245 -22.11 2.00 15.85
N PRO A 246 -22.78 2.71 16.78
CA PRO A 246 -22.10 3.79 17.49
C PRO A 246 -21.05 3.32 18.50
N HIS A 247 -21.32 2.21 19.19
CA HIS A 247 -20.34 1.63 20.12
C HIS A 247 -19.09 1.17 19.39
N ALA A 248 -19.27 0.53 18.25
CA ALA A 248 -18.15 0.05 17.42
C ALA A 248 -17.28 1.20 16.92
N TRP A 249 -17.93 2.29 16.48
CA TRP A 249 -17.20 3.47 16.01
C TRP A 249 -16.36 4.10 17.12
N ALA A 250 -16.99 4.36 18.27
CA ALA A 250 -16.35 5.02 19.40
C ALA A 250 -15.18 4.21 19.94
N ALA A 251 -15.34 2.89 19.98
CA ALA A 251 -14.27 1.99 20.41
C ALA A 251 -13.08 2.05 19.45
N MET A 252 -13.37 2.14 18.15
CA MET A 252 -12.34 2.22 17.13
C MET A 252 -11.52 3.50 17.22
N GLN A 253 -12.16 4.59 17.65
CA GLN A 253 -11.46 5.85 17.89
C GLN A 253 -10.48 5.73 19.06
N GLN A 254 -10.88 5.02 20.11
CA GLN A 254 -10.01 4.74 21.24
C GLN A 254 -8.80 3.92 20.80
N VAL A 255 -9.02 2.96 19.90
CA VAL A 255 -7.96 2.12 19.36
C VAL A 255 -7.00 2.94 18.51
N ARG A 256 -7.55 3.85 17.70
CA ARG A 256 -6.76 4.79 16.93
C ARG A 256 -5.90 5.67 17.84
N GLU A 257 -6.52 6.24 18.87
CA GLU A 257 -5.85 7.11 19.86
C GLU A 257 -4.55 6.49 20.39
N MET A 258 -4.59 5.20 20.70
CA MET A 258 -3.44 4.51 21.30
C MET A 258 -2.52 3.80 20.28
N THR A 259 -2.83 3.91 19.00
CA THR A 259 -2.00 3.27 17.97
C THR A 259 -1.54 4.22 16.85
N THR A 260 -2.38 4.37 15.83
CA THR A 260 -1.99 5.03 14.58
C THR A 260 -2.34 6.51 14.47
N ALA A 261 -3.11 7.03 15.43
CA ALA A 261 -3.50 8.43 15.42
C ALA A 261 -2.30 9.36 15.38
N VAL A 262 -2.40 10.42 14.59
CA VAL A 262 -1.34 11.42 14.48
C VAL A 262 -1.34 12.30 15.73
N PRO A 263 -0.22 12.33 16.47
CA PRO A 263 -0.14 13.18 17.66
C PRO A 263 -0.08 14.65 17.26
N LEU A 264 -0.79 15.49 18.00
CA LEU A 264 -0.79 16.94 17.79
C LEU A 264 0.63 17.51 17.76
N GLU A 265 1.45 17.11 18.72
CA GLU A 265 2.84 17.55 18.86
C GLU A 265 3.67 17.33 17.58
N GLU A 266 3.49 16.18 16.95
CA GLU A 266 4.17 15.86 15.70
C GLU A 266 3.84 16.88 14.62
N MET A 267 2.55 17.19 14.48
CA MET A 267 2.08 18.18 13.50
C MET A 267 2.58 19.60 13.82
N MET A 268 2.65 19.92 15.10
CA MET A 268 3.14 21.23 15.54
C MET A 268 4.60 21.43 15.16
N ARG A 269 5.41 20.38 15.32
CA ARG A 269 6.82 20.40 14.93
C ARG A 269 7.02 20.47 13.41
N ILE A 270 6.06 19.93 12.66
CA ILE A 270 6.09 20.00 11.20
C ILE A 270 5.81 21.42 10.69
N THR A 271 4.88 22.13 11.34
CA THR A 271 4.62 23.54 11.01
C THR A 271 5.76 24.48 11.41
N GLU A 272 6.51 24.09 12.43
CA GLU A 272 7.73 24.81 12.82
C GLU A 272 8.73 24.83 11.65
N ILE A 273 8.88 23.68 11.00
CA ILE A 273 9.73 23.55 9.83
C ILE A 273 9.12 24.33 8.66
N TRP A 274 7.80 24.24 8.53
CA TRP A 274 7.06 24.96 7.50
C TRP A 274 7.26 26.48 7.58
N VAL A 275 7.15 27.05 8.78
CA VAL A 275 7.33 28.50 8.96
C VAL A 275 8.77 28.94 8.66
N ASP A 276 9.76 28.18 9.16
CA ASP A 276 11.18 28.49 8.91
C ASP A 276 11.51 28.46 7.43
N THR A 277 10.88 27.56 6.69
CA THR A 277 11.06 27.45 5.25
C THR A 277 10.41 28.65 4.54
N ALA A 278 9.18 28.96 4.91
CA ALA A 278 8.43 30.07 4.34
C ALA A 278 9.15 31.41 4.50
N MET A 279 9.82 31.60 5.63
CA MET A 279 10.57 32.82 5.93
C MET A 279 11.78 33.00 5.02
N GLN A 280 12.27 31.90 4.46
CA GLN A 280 13.47 31.94 3.61
C GLN A 280 13.14 32.08 2.12
N LEU A 281 11.85 32.19 1.80
CA LEU A 281 11.41 32.25 0.40
C LEU A 281 11.84 33.52 -0.31
N GLY A 282 12.23 33.37 -1.57
CA GLY A 282 12.71 34.49 -2.39
C GLY A 282 11.62 35.19 -3.17
N GLU A 283 12.00 36.20 -3.95
CA GLU A 283 11.06 37.04 -4.71
C GLU A 283 10.33 36.30 -5.83
N LYS A 284 10.97 35.29 -6.41
CA LYS A 284 10.35 34.46 -7.44
C LYS A 284 9.14 33.70 -6.88
N SER A 285 9.31 33.13 -5.69
CA SER A 285 8.24 32.42 -5.01
C SER A 285 7.11 33.36 -4.61
N LEU A 286 7.47 34.54 -4.11
CA LEU A 286 6.50 35.56 -3.70
C LEU A 286 5.65 36.08 -4.86
N ARG A 287 6.28 36.22 -6.03
CA ARG A 287 5.55 36.63 -7.24
C ARG A 287 4.59 35.54 -7.73
N THR A 288 5.01 34.29 -7.64
CA THR A 288 4.15 33.14 -7.96
C THR A 288 2.91 33.15 -7.06
N MET A 289 3.14 33.39 -5.77
CA MET A 289 2.06 33.47 -4.78
C MET A 289 1.09 34.61 -5.09
N ASP A 290 1.64 35.75 -5.50
CA ASP A 290 0.85 36.91 -5.91
C ASP A 290 -0.06 36.62 -7.09
N ARG A 291 0.46 35.88 -8.07
CA ARG A 291 -0.32 35.51 -9.26
C ARG A 291 -1.47 34.57 -8.90
N LEU A 292 -1.22 33.64 -7.99
CA LEU A 292 -2.23 32.73 -7.49
C LEU A 292 -3.32 33.47 -6.71
N VAL A 293 -2.91 34.47 -5.92
CA VAL A 293 -3.84 35.33 -5.18
C VAL A 293 -4.84 36.01 -6.11
N ARG A 294 -4.34 36.56 -7.23
CA ARG A 294 -5.18 37.24 -8.21
C ARG A 294 -6.12 36.28 -8.93
N ALA A 295 -5.67 35.06 -9.19
CA ALA A 295 -6.50 34.04 -9.84
C ALA A 295 -7.60 33.50 -8.92
N GLN A 296 -7.36 33.51 -7.61
CA GLN A 296 -8.35 33.03 -6.62
C GLN A 296 -9.52 34.00 -6.47
N SER B 30 -8.40 -31.39 25.63
CA SER B 30 -9.11 -32.32 24.71
C SER B 30 -9.88 -31.59 23.59
N THR B 31 -9.81 -30.26 23.60
CA THR B 31 -10.36 -29.46 22.51
C THR B 31 -9.39 -29.44 21.32
N LEU B 32 -8.16 -29.90 21.57
CA LEU B 32 -7.12 -29.96 20.55
C LEU B 32 -6.70 -31.39 20.22
N ARG B 33 -6.37 -31.60 18.94
CA ARG B 33 -5.69 -32.82 18.52
C ARG B 33 -4.29 -32.42 18.05
N ILE B 34 -3.29 -32.85 18.81
CA ILE B 34 -1.90 -32.47 18.57
C ILE B 34 -1.14 -33.56 17.81
N ILE B 35 -0.58 -33.20 16.67
CA ILE B 35 0.28 -34.10 15.90
C ILE B 35 1.69 -33.53 15.88
N GLU B 36 2.62 -34.25 16.49
CA GLU B 36 4.00 -33.79 16.60
C GLU B 36 4.95 -34.63 15.73
N GLU B 37 5.82 -33.94 15.01
CA GLU B 37 6.87 -34.59 14.23
C GLU B 37 8.24 -34.13 14.74
N PRO B 38 8.73 -34.74 15.83
CA PRO B 38 9.93 -34.26 16.55
C PRO B 38 11.23 -34.23 15.72
N GLN B 39 11.39 -35.15 14.79
CA GLN B 39 12.62 -35.25 14.01
C GLN B 39 12.67 -34.25 12.85
N ARG B 40 11.52 -33.64 12.56
CA ARG B 40 11.38 -32.66 11.49
C ARG B 40 11.01 -31.30 12.10
N ASP B 41 10.66 -31.31 13.38
CA ASP B 41 10.22 -30.13 14.14
C ASP B 41 9.02 -29.42 13.50
N VAL B 42 8.03 -30.22 13.11
CA VAL B 42 6.76 -29.70 12.61
C VAL B 42 5.67 -30.11 13.59
N TYR B 43 4.81 -29.16 13.96
CA TYR B 43 3.80 -29.39 15.00
C TYR B 43 2.43 -28.88 14.56
N TRP B 44 1.46 -29.78 14.56
CA TRP B 44 0.11 -29.50 14.06
C TRP B 44 -0.88 -29.32 15.21
N ILE B 45 -1.57 -28.18 15.22
CA ILE B 45 -2.61 -27.91 16.18
C ILE B 45 -3.97 -27.93 15.49
N HIS B 46 -4.76 -28.96 15.76
CA HIS B 46 -6.09 -29.09 15.19
C HIS B 46 -7.15 -28.68 16.23
N MET B 47 -7.82 -27.57 15.96
CA MET B 47 -8.89 -27.07 16.82
C MET B 47 -10.15 -27.92 16.72
N HIS B 48 -10.94 -27.90 17.79
CA HIS B 48 -12.27 -28.53 17.84
C HIS B 48 -12.24 -30.06 17.67
N ALA B 49 -11.32 -30.69 18.40
CA ALA B 49 -11.12 -32.14 18.33
C ALA B 49 -12.29 -32.93 18.92
N ASP B 50 -12.97 -32.35 19.91
CA ASP B 50 -14.05 -33.04 20.61
C ASP B 50 -15.47 -32.59 20.20
N LEU B 51 -15.61 -32.12 18.96
CA LEU B 51 -16.94 -31.77 18.46
C LEU B 51 -17.73 -33.00 17.98
N ALA B 52 -17.72 -34.05 18.80
CA ALA B 52 -18.45 -35.29 18.52
C ALA B 52 -18.70 -36.07 19.80
N ARG B 57 -20.48 -25.76 19.29
CA ARG B 57 -20.10 -24.52 18.64
C ARG B 57 -18.59 -24.42 18.43
N ALA B 58 -18.19 -24.23 17.18
CA ALA B 58 -16.77 -24.19 16.82
C ALA B 58 -16.18 -22.79 16.98
N CYS B 59 -16.17 -22.31 18.21
CA CYS B 59 -15.69 -20.99 18.54
C CYS B 59 -14.58 -21.06 19.58
N PHE B 60 -13.97 -19.92 19.90
CA PHE B 60 -12.97 -19.83 20.96
C PHE B 60 -13.63 -19.85 22.34
N SER B 61 -13.92 -21.04 22.84
CA SER B 61 -14.41 -21.20 24.21
C SER B 61 -13.22 -21.08 25.16
N THR B 62 -13.52 -20.86 26.44
CA THR B 62 -12.49 -20.77 27.49
C THR B 62 -11.58 -22.00 27.49
N ARG B 63 -12.18 -23.19 27.34
CA ARG B 63 -11.43 -24.44 27.29
C ARG B 63 -10.47 -24.47 26.11
N LEU B 64 -10.94 -24.07 24.93
CA LEU B 64 -10.11 -24.08 23.73
C LEU B 64 -8.95 -23.10 23.84
N VAL B 65 -9.21 -21.92 24.40
CA VAL B 65 -8.19 -20.89 24.58
C VAL B 65 -7.10 -21.35 25.57
N ASP B 66 -7.52 -21.89 26.71
CA ASP B 66 -6.60 -22.43 27.71
C ASP B 66 -5.74 -23.59 27.17
N ASP B 67 -6.35 -24.44 26.34
CA ASP B 67 -5.63 -25.55 25.73
C ASP B 67 -4.59 -25.09 24.72
N ILE B 68 -4.92 -24.07 23.93
CA ILE B 68 -3.97 -23.48 22.97
C ILE B 68 -2.79 -22.82 23.70
N THR B 69 -3.08 -21.90 24.62
CA THR B 69 -2.03 -21.20 25.37
C THR B 69 -1.16 -22.16 26.17
N GLY B 70 -1.81 -23.17 26.76
CA GLY B 70 -1.12 -24.21 27.51
C GLY B 70 -0.18 -25.03 26.65
N TYR B 71 -0.60 -25.35 25.43
CA TYR B 71 0.25 -26.07 24.50
C TYR B 71 1.37 -25.17 23.93
N GLN B 72 1.04 -23.92 23.62
CA GLN B 72 2.02 -22.95 23.13
C GLN B 72 3.19 -22.77 24.11
N THR B 73 2.86 -22.59 25.38
CA THR B 73 3.83 -22.46 26.46
C THR B 73 4.67 -23.74 26.60
N ASN B 74 4.01 -24.88 26.56
CA ASN B 74 4.67 -26.18 26.68
C ASN B 74 5.64 -26.45 25.52
N LEU B 75 5.15 -26.31 24.29
CA LEU B 75 5.95 -26.57 23.09
C LEU B 75 7.10 -25.56 22.96
N GLY B 76 6.81 -24.30 23.25
CA GLY B 76 7.81 -23.24 23.19
C GLY B 76 8.99 -23.45 24.13
N GLN B 77 8.70 -23.90 25.35
CA GLN B 77 9.73 -24.21 26.33
C GLN B 77 10.58 -25.40 25.92
N ARG B 78 9.95 -26.42 25.34
CA ARG B 78 10.65 -27.62 24.85
C ARG B 78 11.56 -27.27 23.67
N LEU B 79 11.09 -26.38 22.80
CA LEU B 79 11.86 -25.94 21.64
C LEU B 79 13.05 -25.06 22.01
N ASN B 80 12.87 -24.22 23.03
CA ASN B 80 13.93 -23.36 23.51
C ASN B 80 15.07 -24.12 24.18
N THR B 81 14.71 -25.07 25.06
CA THR B 81 15.69 -25.86 25.81
C THR B 81 16.44 -26.84 24.91
N ALA B 82 15.80 -27.28 23.83
CA ALA B 82 16.43 -28.16 22.84
C ALA B 82 17.18 -27.36 21.76
N GLY B 83 17.05 -26.03 21.83
CA GLY B 83 17.75 -25.13 20.90
C GLY B 83 17.36 -25.31 19.44
N VAL B 84 16.09 -25.62 19.20
CA VAL B 84 15.59 -25.87 17.85
C VAL B 84 15.57 -24.59 17.02
N LEU B 85 16.15 -24.68 15.82
CA LEU B 85 16.20 -23.55 14.91
C LEU B 85 15.04 -23.59 13.91
N ALA B 86 14.24 -22.52 13.92
CA ALA B 86 13.11 -22.35 13.01
C ALA B 86 12.12 -23.51 12.95
N PRO B 87 11.50 -23.88 14.09
CA PRO B 87 10.45 -24.91 14.06
C PRO B 87 9.19 -24.42 13.36
N HIS B 88 8.33 -25.36 12.95
CA HIS B 88 7.10 -25.03 12.25
C HIS B 88 5.87 -25.42 13.05
N VAL B 89 4.97 -24.45 13.25
CA VAL B 89 3.72 -24.67 13.96
C VAL B 89 2.54 -24.37 13.02
N VAL B 90 1.64 -25.32 12.91
CA VAL B 90 0.47 -25.19 12.03
C VAL B 90 -0.83 -25.14 12.83
N LEU B 91 -1.62 -24.11 12.60
CA LEU B 91 -2.95 -23.98 13.21
C LEU B 91 -4.00 -24.41 12.21
N ALA B 92 -4.68 -25.51 12.52
CA ALA B 92 -5.71 -26.09 11.65
C ALA B 92 -6.97 -26.40 12.45
N SER B 93 -7.96 -26.98 11.77
CA SER B 93 -9.24 -27.32 12.38
C SER B 93 -9.71 -28.71 11.96
N ASP B 94 -10.35 -29.41 12.89
CA ASP B 94 -10.98 -30.71 12.62
C ASP B 94 -12.46 -30.56 12.28
N SER B 95 -12.99 -29.35 12.43
CA SER B 95 -14.39 -29.06 12.09
C SER B 95 -14.52 -28.73 10.60
N ASP B 96 -15.75 -28.59 10.12
CA ASP B 96 -15.99 -28.17 8.74
C ASP B 96 -15.84 -26.65 8.55
N VAL B 97 -15.70 -25.94 9.67
CA VAL B 97 -15.27 -24.54 9.67
C VAL B 97 -13.91 -24.43 10.36
N PHE B 98 -13.23 -23.30 10.14
CA PHE B 98 -11.96 -23.03 10.81
C PHE B 98 -12.19 -22.63 12.26
N ASN B 99 -12.87 -21.50 12.46
CA ASN B 99 -13.23 -20.98 13.78
C ASN B 99 -14.17 -19.80 13.64
N LEU B 100 -15.27 -19.82 14.41
CA LEU B 100 -16.32 -18.82 14.27
C LEU B 100 -16.17 -17.62 15.20
N GLY B 101 -15.08 -17.59 15.97
CA GLY B 101 -14.72 -16.42 16.76
C GLY B 101 -14.96 -16.57 18.25
N GLY B 102 -15.33 -15.46 18.88
CA GLY B 102 -15.55 -15.42 20.32
C GLY B 102 -16.73 -16.25 20.79
N ASP B 103 -16.67 -16.70 22.04
CA ASP B 103 -17.78 -17.41 22.66
C ASP B 103 -18.88 -16.42 23.00
N LEU B 104 -19.79 -16.20 22.05
CA LEU B 104 -20.85 -15.21 22.18
C LEU B 104 -21.83 -15.52 23.31
N ALA B 105 -22.12 -16.80 23.53
CA ALA B 105 -22.98 -17.22 24.63
C ALA B 105 -22.39 -16.82 25.97
N LEU B 106 -21.07 -16.93 26.09
CA LEU B 106 -20.35 -16.46 27.27
C LEU B 106 -20.40 -14.94 27.36
N PHE B 107 -20.25 -14.26 26.21
CA PHE B 107 -20.30 -12.80 26.15
C PHE B 107 -21.64 -12.29 26.67
N CYS B 108 -22.73 -12.82 26.11
CA CYS B 108 -24.09 -12.45 26.51
C CYS B 108 -24.30 -12.55 28.01
N GLN B 109 -23.83 -13.65 28.60
CA GLN B 109 -24.00 -13.90 30.02
C GLN B 109 -23.23 -12.89 30.88
N LEU B 110 -21.97 -12.67 30.57
CA LEU B 110 -21.10 -11.80 31.37
C LEU B 110 -21.52 -10.33 31.27
N ILE B 111 -22.00 -9.92 30.09
CA ILE B 111 -22.49 -8.56 29.87
C ILE B 111 -23.77 -8.31 30.67
N ARG B 112 -24.69 -9.27 30.65
CA ARG B 112 -25.95 -9.18 31.39
C ARG B 112 -25.73 -9.19 32.90
N GLU B 113 -24.70 -9.91 33.35
CA GLU B 113 -24.36 -10.02 34.77
C GLU B 113 -23.45 -8.88 35.25
N GLY B 114 -22.90 -8.12 34.30
CA GLY B 114 -21.99 -7.01 34.62
C GLY B 114 -20.62 -7.45 35.09
N ASP B 115 -20.22 -8.67 34.72
CA ASP B 115 -18.95 -9.25 35.14
C ASP B 115 -17.79 -8.84 34.22
N ARG B 116 -17.31 -7.62 34.41
CA ARG B 116 -16.19 -7.07 33.63
C ARG B 116 -14.90 -7.88 33.85
N ALA B 117 -14.64 -8.23 35.11
CA ALA B 117 -13.41 -8.94 35.50
C ALA B 117 -13.19 -10.24 34.72
N ARG B 118 -14.25 -11.06 34.61
CA ARG B 118 -14.16 -12.34 33.92
C ARG B 118 -14.09 -12.18 32.40
N LEU B 119 -14.76 -11.16 31.86
CA LEU B 119 -14.71 -10.88 30.43
C LEU B 119 -13.34 -10.38 30.02
N LEU B 120 -12.73 -9.54 30.86
CA LEU B 120 -11.36 -9.06 30.64
C LEU B 120 -10.38 -10.23 30.66
N ASP B 121 -10.55 -11.11 31.64
CA ASP B 121 -9.73 -12.31 31.78
C ASP B 121 -9.75 -13.17 30.52
N TYR B 122 -10.96 -13.39 29.98
CA TYR B 122 -11.14 -14.14 28.74
C TYR B 122 -10.43 -13.45 27.58
N ALA B 123 -10.64 -12.14 27.46
CA ALA B 123 -10.09 -11.34 26.38
C ALA B 123 -8.56 -11.34 26.39
N GLN B 124 -7.99 -11.22 27.59
CA GLN B 124 -6.53 -11.22 27.75
C GLN B 124 -5.92 -12.56 27.37
N ARG B 125 -6.60 -13.65 27.70
CA ARG B 125 -6.14 -14.99 27.35
C ARG B 125 -6.21 -15.26 25.86
N CYS B 126 -7.21 -14.68 25.19
CA CYS B 126 -7.32 -14.74 23.74
C CYS B 126 -6.16 -14.01 23.06
N VAL B 127 -5.79 -12.86 23.63
CA VAL B 127 -4.65 -12.07 23.17
C VAL B 127 -3.35 -12.86 23.27
N ARG B 128 -3.12 -13.51 24.40
CA ARG B 128 -1.91 -14.32 24.61
C ARG B 128 -1.78 -15.45 23.58
N GLY B 129 -2.91 -16.08 23.26
CA GLY B 129 -2.94 -17.13 22.26
C GLY B 129 -2.52 -16.64 20.89
N VAL B 130 -3.13 -15.56 20.41
CA VAL B 130 -2.83 -15.04 19.08
C VAL B 130 -1.48 -14.33 18.99
N HIS B 131 -1.06 -13.67 20.07
CA HIS B 131 0.26 -13.03 20.09
C HIS B 131 1.39 -14.05 20.05
N ALA B 132 1.20 -15.19 20.70
CA ALA B 132 2.19 -16.27 20.69
C ALA B 132 2.46 -16.79 19.28
N PHE B 133 1.41 -16.92 18.45
CA PHE B 133 1.58 -17.28 17.04
C PHE B 133 2.37 -16.20 16.29
N HIS B 134 2.08 -14.94 16.60
CA HIS B 134 2.71 -13.79 15.96
C HIS B 134 4.21 -13.70 16.22
N VAL B 135 4.64 -14.09 17.42
CA VAL B 135 6.07 -14.06 17.77
C VAL B 135 6.71 -15.44 17.76
N GLY B 136 6.02 -16.41 17.16
CA GLY B 136 6.54 -17.76 16.98
C GLY B 136 6.77 -18.52 18.28
N LEU B 137 5.83 -18.37 19.22
CA LEU B 137 5.82 -19.10 20.48
C LEU B 137 7.01 -18.78 21.39
N GLY B 138 7.73 -17.70 21.07
CA GLY B 138 8.94 -17.34 21.80
C GLY B 138 10.11 -18.24 21.45
N ALA B 139 9.96 -19.01 20.38
CA ALA B 139 10.99 -19.93 19.90
C ALA B 139 11.31 -19.69 18.43
N ARG B 140 10.88 -18.52 17.93
CA ARG B 140 11.11 -18.08 16.55
C ARG B 140 10.56 -19.07 15.52
N ALA B 141 9.40 -19.63 15.83
CA ALA B 141 8.74 -20.60 14.98
C ALA B 141 8.09 -19.95 13.76
N HIS B 142 7.90 -20.75 12.71
CA HIS B 142 7.12 -20.32 11.56
C HIS B 142 5.67 -20.77 11.79
N SER B 143 4.79 -19.80 12.02
CA SER B 143 3.37 -20.07 12.24
C SER B 143 2.60 -20.06 10.93
N ILE B 144 1.89 -21.15 10.68
CA ILE B 144 1.13 -21.29 9.44
C ILE B 144 -0.33 -21.58 9.77
N ALA B 145 -1.23 -20.73 9.26
CA ALA B 145 -2.65 -20.96 9.41
C ALA B 145 -3.18 -21.72 8.20
N LEU B 146 -3.77 -22.88 8.47
CA LEU B 146 -4.42 -23.68 7.44
C LEU B 146 -5.93 -23.54 7.58
N VAL B 147 -6.52 -22.76 6.66
CA VAL B 147 -7.93 -22.41 6.74
C VAL B 147 -8.71 -23.15 5.65
N GLN B 148 -9.38 -24.23 6.06
CA GLN B 148 -10.11 -25.11 5.15
C GLN B 148 -11.63 -24.97 5.30
N GLY B 149 -12.03 -24.13 6.24
CA GLY B 149 -13.43 -23.80 6.47
C GLY B 149 -13.52 -22.33 6.86
N ASN B 150 -14.73 -21.84 7.06
CA ASN B 150 -14.95 -20.43 7.37
C ASN B 150 -14.26 -19.95 8.65
N ALA B 151 -13.71 -18.74 8.59
CA ALA B 151 -13.02 -18.13 9.72
C ALA B 151 -13.61 -16.74 10.01
N LEU B 152 -14.38 -16.63 11.09
CA LEU B 152 -15.11 -15.40 11.41
C LEU B 152 -14.67 -14.80 12.73
N GLY B 153 -14.56 -13.47 12.75
CA GLY B 153 -14.18 -12.73 13.96
C GLY B 153 -12.85 -13.18 14.52
N GLY B 154 -12.86 -13.62 15.77
CA GLY B 154 -11.67 -14.16 16.43
C GLY B 154 -10.99 -15.24 15.62
N GLY B 155 -11.78 -16.02 14.88
CA GLY B 155 -11.27 -17.06 14.00
C GLY B 155 -10.41 -16.51 12.88
N PHE B 156 -10.85 -15.41 12.28
CA PHE B 156 -10.09 -14.72 11.26
C PHE B 156 -8.86 -14.04 11.87
N GLU B 157 -9.04 -13.48 13.06
CA GLU B 157 -7.94 -12.86 13.80
C GLU B 157 -6.82 -13.85 14.15
N ALA B 158 -7.21 -15.09 14.46
CA ALA B 158 -6.26 -16.16 14.75
C ALA B 158 -5.46 -16.57 13.52
N ALA B 159 -6.10 -16.57 12.37
CA ALA B 159 -5.42 -16.83 11.11
C ALA B 159 -4.43 -15.71 10.79
N LEU B 160 -4.85 -14.46 11.03
CA LEU B 160 -4.02 -13.27 10.79
C LEU B 160 -2.84 -13.16 11.75
N SER B 161 -2.89 -13.90 12.86
CA SER B 161 -1.81 -13.91 13.85
C SER B 161 -0.65 -14.79 13.39
N CYS B 162 -0.91 -15.69 12.44
CA CYS B 162 0.12 -16.53 11.86
C CYS B 162 0.88 -15.79 10.77
N HIS B 163 2.09 -16.26 10.47
CA HIS B 163 2.96 -15.60 9.50
C HIS B 163 2.55 -15.90 8.07
N THR B 164 1.93 -17.05 7.87
CA THR B 164 1.47 -17.48 6.54
C THR B 164 0.05 -18.02 6.65
N ILE B 165 -0.83 -17.55 5.76
CA ILE B 165 -2.20 -18.03 5.70
C ILE B 165 -2.46 -18.80 4.41
N ILE B 166 -2.74 -20.09 4.55
CA ILE B 166 -3.14 -20.93 3.43
C ILE B 166 -4.65 -21.14 3.49
N ALA B 167 -5.33 -20.80 2.40
CA ALA B 167 -6.79 -20.95 2.34
C ALA B 167 -7.21 -21.81 1.16
N GLU B 168 -8.28 -22.58 1.36
CA GLU B 168 -8.85 -23.38 0.30
C GLU B 168 -9.99 -22.61 -0.38
N GLU B 169 -10.22 -22.91 -1.66
CA GLU B 169 -11.28 -22.26 -2.44
C GLU B 169 -12.65 -22.48 -1.79
N GLY B 170 -13.48 -21.43 -1.81
CA GLY B 170 -14.83 -21.49 -1.24
C GLY B 170 -14.91 -21.10 0.22
N VAL B 171 -13.76 -20.86 0.86
CA VAL B 171 -13.69 -20.46 2.25
C VAL B 171 -14.02 -18.98 2.40
N MET B 172 -14.84 -18.66 3.40
CA MET B 172 -15.22 -17.28 3.68
C MET B 172 -14.60 -16.80 4.99
N MET B 173 -14.08 -15.57 4.97
CA MET B 173 -13.54 -14.96 6.18
C MET B 173 -14.06 -13.54 6.33
N GLY B 174 -14.14 -13.07 7.57
CA GLY B 174 -14.60 -11.72 7.86
C GLY B 174 -14.70 -11.41 9.33
N LEU B 175 -15.11 -10.19 9.63
CA LEU B 175 -15.19 -9.70 11.00
C LEU B 175 -16.59 -9.16 11.29
N PRO B 176 -17.50 -10.04 11.72
CA PRO B 176 -18.90 -9.68 11.87
C PRO B 176 -19.30 -9.04 13.21
N GLU B 177 -18.32 -8.75 14.07
CA GLU B 177 -18.64 -8.21 15.39
C GLU B 177 -19.32 -6.84 15.39
N VAL B 178 -19.14 -6.07 14.32
CA VAL B 178 -19.85 -4.80 14.16
C VAL B 178 -21.35 -4.97 14.03
N LEU B 179 -21.78 -6.13 13.56
CA LEU B 179 -23.20 -6.42 13.36
C LEU B 179 -23.96 -6.47 14.69
N PHE B 180 -23.24 -6.75 15.78
CA PHE B 180 -23.79 -6.58 17.12
C PHE B 180 -23.10 -5.45 17.89
N ASP B 181 -22.66 -4.44 17.15
CA ASP B 181 -22.12 -3.18 17.69
C ASP B 181 -20.84 -3.33 18.52
N LEU B 182 -20.03 -4.34 18.19
CA LEU B 182 -18.72 -4.51 18.81
C LEU B 182 -17.65 -4.37 17.73
N PHE B 183 -16.39 -4.58 18.09
CA PHE B 183 -15.29 -4.56 17.12
C PHE B 183 -14.32 -5.72 17.40
N PRO B 184 -13.52 -6.12 16.39
CA PRO B 184 -12.57 -7.19 16.62
C PRO B 184 -11.39 -6.73 17.46
N GLY B 185 -11.29 -7.26 18.68
CA GLY B 185 -10.28 -6.82 19.64
C GLY B 185 -9.16 -7.80 19.93
N MET B 186 -9.11 -8.89 19.15
CA MET B 186 -8.08 -9.93 19.33
C MET B 186 -6.91 -9.72 18.37
N GLY B 187 -6.68 -8.47 17.98
CA GLY B 187 -5.54 -8.14 17.13
C GLY B 187 -5.83 -7.92 15.65
N ALA B 188 -7.10 -7.88 15.26
CA ALA B 188 -7.46 -7.66 13.86
C ALA B 188 -6.74 -6.44 13.29
N TYR B 189 -6.86 -5.30 13.97
CA TYR B 189 -6.26 -4.05 13.53
C TYR B 189 -4.73 -4.14 13.48
N SER B 190 -4.15 -4.69 14.54
CA SER B 190 -2.69 -4.84 14.65
C SER B 190 -2.10 -5.72 13.55
N PHE B 191 -2.79 -6.82 13.23
CA PHE B 191 -2.29 -7.77 12.25
C PHE B 191 -2.53 -7.33 10.81
N MET B 192 -3.69 -6.73 10.54
CA MET B 192 -3.98 -6.22 9.19
C MET B 192 -3.07 -5.06 8.79
N CYS B 193 -2.69 -4.23 9.76
CA CYS B 193 -1.77 -3.10 9.51
C CYS B 193 -0.37 -3.53 9.05
N GLN B 194 -0.06 -4.82 9.21
CA GLN B 194 1.17 -5.41 8.69
C GLN B 194 1.04 -5.65 7.18
N ARG B 195 -0.20 -5.81 6.71
CA ARG B 195 -0.47 -6.22 5.32
C ARG B 195 -1.06 -5.12 4.45
N ILE B 196 -1.95 -4.32 5.04
CA ILE B 196 -2.63 -3.22 4.33
C ILE B 196 -2.54 -1.92 5.12
N SER B 197 -3.04 -0.84 4.56
CA SER B 197 -3.04 0.46 5.21
C SER B 197 -3.94 0.48 6.46
N ALA B 198 -3.62 1.38 7.38
CA ALA B 198 -4.42 1.60 8.58
C ALA B 198 -5.86 1.99 8.25
N HIS B 199 -6.02 2.80 7.21
CA HIS B 199 -7.34 3.24 6.79
C HIS B 199 -8.22 2.10 6.24
N LEU B 200 -7.66 1.28 5.35
CA LEU B 200 -8.40 0.14 4.80
C LEU B 200 -8.72 -0.89 5.88
N ALA B 201 -7.79 -1.10 6.82
CA ALA B 201 -8.02 -2.00 7.96
C ALA B 201 -9.23 -1.55 8.77
N GLN B 202 -9.34 -0.25 9.01
CA GLN B 202 -10.49 0.35 9.68
C GLN B 202 -11.81 0.08 8.96
N LYS B 203 -11.84 0.29 7.64
CA LYS B 203 -13.03 0.03 6.83
C LYS B 203 -13.50 -1.42 6.98
N ILE B 204 -12.57 -2.35 6.78
CA ILE B 204 -12.88 -3.78 6.85
C ILE B 204 -13.46 -4.17 8.20
N MET B 205 -12.91 -3.60 9.27
CA MET B 205 -13.38 -3.87 10.62
C MET B 205 -14.78 -3.33 10.91
N LEU B 206 -15.16 -2.26 10.21
CA LEU B 206 -16.43 -1.57 10.49
C LEU B 206 -17.54 -1.81 9.47
N GLU B 207 -17.22 -2.49 8.36
CA GLU B 207 -18.23 -2.78 7.33
C GLU B 207 -19.01 -4.05 7.61
N GLY B 208 -18.34 -5.06 8.16
CA GLY B 208 -18.98 -6.33 8.49
C GLY B 208 -19.33 -7.18 7.29
N ASN B 209 -18.47 -7.15 6.27
CA ASN B 209 -18.62 -7.98 5.09
C ASN B 209 -17.81 -9.28 5.22
N LEU B 210 -18.28 -10.33 4.55
CA LEU B 210 -17.48 -11.54 4.41
C LEU B 210 -16.81 -11.55 3.04
N TYR B 211 -15.60 -12.11 3.00
CA TYR B 211 -14.83 -12.16 1.77
C TYR B 211 -14.42 -13.60 1.47
N SER B 212 -14.43 -13.96 0.20
CA SER B 212 -13.94 -15.26 -0.23
C SER B 212 -12.42 -15.30 -0.18
N ALA B 213 -11.85 -16.51 -0.23
CA ALA B 213 -10.41 -16.69 -0.24
C ALA B 213 -9.74 -15.93 -1.39
N GLU B 214 -10.33 -16.02 -2.58
CA GLU B 214 -9.80 -15.34 -3.78
C GLU B 214 -9.77 -13.82 -3.61
N GLN B 215 -10.83 -13.28 -3.01
CA GLN B 215 -10.91 -11.84 -2.73
C GLN B 215 -9.83 -11.40 -1.74
N LEU B 216 -9.68 -12.17 -0.66
CA LEU B 216 -8.67 -11.88 0.37
C LEU B 216 -7.25 -11.95 -0.17
N LEU B 217 -7.01 -12.87 -1.10
CA LEU B 217 -5.72 -12.98 -1.78
C LEU B 217 -5.38 -11.69 -2.53
N GLY B 218 -6.35 -11.17 -3.29
CA GLY B 218 -6.19 -9.93 -4.03
C GLY B 218 -5.99 -8.71 -3.11
N MET B 219 -6.58 -8.79 -1.92
CA MET B 219 -6.45 -7.74 -0.92
C MET B 219 -5.14 -7.83 -0.13
N GLY B 220 -4.46 -8.97 -0.23
CA GLY B 220 -3.19 -9.20 0.45
C GLY B 220 -3.35 -9.68 1.88
N LEU B 221 -4.55 -10.13 2.21
CA LEU B 221 -4.88 -10.60 3.57
C LEU B 221 -4.75 -12.11 3.70
N VAL B 222 -4.54 -12.77 2.58
CA VAL B 222 -4.29 -14.21 2.52
C VAL B 222 -3.10 -14.43 1.58
N ASP B 223 -2.26 -15.41 1.88
CA ASP B 223 -1.01 -15.61 1.16
C ASP B 223 -1.11 -16.61 0.01
N ARG B 224 -1.98 -17.60 0.14
CA ARG B 224 -2.16 -18.60 -0.90
C ARG B 224 -3.56 -19.21 -0.89
N VAL B 225 -4.12 -19.39 -2.08
CA VAL B 225 -5.41 -20.03 -2.27
C VAL B 225 -5.22 -21.29 -3.13
N VAL B 226 -5.67 -22.43 -2.61
CA VAL B 226 -5.54 -23.71 -3.31
C VAL B 226 -6.90 -24.39 -3.43
N PRO B 227 -7.05 -25.33 -4.39
CA PRO B 227 -8.32 -26.05 -4.52
C PRO B 227 -8.71 -26.81 -3.26
N ARG B 228 -10.00 -27.14 -3.15
CA ARG B 228 -10.54 -27.92 -2.03
C ARG B 228 -9.77 -29.22 -1.82
N GLY B 229 -9.38 -29.48 -0.57
CA GLY B 229 -8.66 -30.71 -0.21
C GLY B 229 -7.20 -30.75 -0.63
N GLN B 230 -6.62 -29.58 -0.91
CA GLN B 230 -5.21 -29.48 -1.29
C GLN B 230 -4.39 -28.65 -0.31
N GLY B 231 -5.04 -28.21 0.77
CA GLY B 231 -4.42 -27.34 1.77
C GLY B 231 -3.22 -27.93 2.48
N VAL B 232 -3.32 -29.19 2.87
CA VAL B 232 -2.24 -29.90 3.58
C VAL B 232 -0.97 -29.95 2.72
N ALA B 233 -1.12 -30.32 1.46
CA ALA B 233 -0.02 -30.34 0.49
C ALA B 233 0.62 -28.97 0.30
N ALA B 234 -0.21 -27.92 0.30
CA ALA B 234 0.27 -26.54 0.18
C ALA B 234 1.07 -26.11 1.40
N VAL B 235 0.61 -26.51 2.59
CA VAL B 235 1.33 -26.26 3.83
C VAL B 235 2.67 -26.99 3.83
N GLU B 236 2.67 -28.24 3.36
CA GLU B 236 3.89 -29.04 3.24
C GLU B 236 4.94 -28.41 2.34
N GLN B 237 4.48 -27.78 1.25
CA GLN B 237 5.38 -27.04 0.35
C GLN B 237 5.98 -25.79 1.01
N VAL B 238 5.18 -25.10 1.81
CA VAL B 238 5.65 -23.93 2.54
C VAL B 238 6.68 -24.33 3.59
N ILE B 239 6.37 -25.39 4.33
CA ILE B 239 7.27 -25.95 5.34
C ILE B 239 8.61 -26.34 4.71
N ARG B 240 8.53 -27.11 3.62
CA ARG B 240 9.72 -27.60 2.92
C ARG B 240 10.56 -26.46 2.35
N GLU B 241 9.90 -25.37 1.98
CA GLU B 241 10.57 -24.18 1.45
C GLU B 241 11.38 -23.44 2.50
N SER B 242 10.79 -23.26 3.69
CA SER B 242 11.46 -22.52 4.76
C SER B 242 12.36 -23.40 5.64
N LYS B 243 12.21 -24.72 5.51
CA LYS B 243 13.08 -25.68 6.22
C LYS B 243 14.50 -25.64 5.68
N ARG B 244 14.65 -25.25 4.42
CA ARG B 244 15.97 -25.17 3.81
C ARG B 244 16.69 -23.85 4.11
N THR B 245 15.95 -22.88 4.63
CA THR B 245 16.55 -21.63 5.08
C THR B 245 16.19 -21.31 6.55
N PRO B 246 16.63 -22.17 7.48
CA PRO B 246 16.25 -21.96 8.89
C PRO B 246 16.95 -20.77 9.55
N HIS B 247 18.23 -20.55 9.21
CA HIS B 247 18.98 -19.42 9.75
C HIS B 247 18.39 -18.09 9.27
N ALA B 248 18.01 -18.03 8.01
CA ALA B 248 17.40 -16.83 7.42
C ALA B 248 16.05 -16.52 8.07
N TRP B 249 15.24 -17.55 8.31
CA TRP B 249 13.95 -17.39 8.97
C TRP B 249 14.10 -16.83 10.39
N ALA B 250 14.95 -17.49 11.19
CA ALA B 250 15.16 -17.12 12.59
C ALA B 250 15.71 -15.71 12.74
N ALA B 251 16.63 -15.35 11.85
CA ALA B 251 17.19 -14.00 11.82
C ALA B 251 16.11 -12.95 11.51
N MET B 252 15.21 -13.29 10.59
CA MET B 252 14.10 -12.40 10.22
C MET B 252 13.12 -12.15 11.37
N GLN B 253 12.92 -13.17 12.21
CA GLN B 253 12.10 -13.03 13.40
C GLN B 253 12.71 -12.04 14.39
N GLN B 254 14.04 -12.11 14.56
CA GLN B 254 14.78 -11.17 15.40
C GLN B 254 14.63 -9.74 14.88
N VAL B 255 14.66 -9.59 13.56
CA VAL B 255 14.47 -8.29 12.91
C VAL B 255 13.06 -7.77 13.13
N ARG B 256 12.08 -8.65 13.02
CA ARG B 256 10.68 -8.32 13.32
C ARG B 256 10.53 -7.86 14.76
N GLU B 257 11.10 -8.64 15.68
CA GLU B 257 11.05 -8.34 17.12
C GLU B 257 11.45 -6.90 17.46
N MET B 258 12.50 -6.41 16.80
CA MET B 258 13.01 -5.06 17.06
C MET B 258 12.47 -3.96 16.12
N THR B 259 11.56 -4.32 15.21
CA THR B 259 10.97 -3.32 14.30
C THR B 259 9.43 -3.33 14.29
N THR B 260 8.85 -4.18 13.46
CA THR B 260 7.43 -4.11 13.13
C THR B 260 6.51 -5.02 13.95
N ALA B 261 7.11 -5.90 14.76
CA ALA B 261 6.32 -6.84 15.56
C ALA B 261 5.35 -6.11 16.48
N VAL B 262 4.15 -6.65 16.60
CA VAL B 262 3.13 -6.08 17.45
C VAL B 262 3.46 -6.41 18.92
N PRO B 263 3.63 -5.37 19.75
CA PRO B 263 3.91 -5.59 21.16
C PRO B 263 2.68 -6.13 21.88
N LEU B 264 2.90 -7.11 22.76
CA LEU B 264 1.83 -7.69 23.58
C LEU B 264 1.02 -6.64 24.32
N GLU B 265 1.73 -5.68 24.94
CA GLU B 265 1.14 -4.59 25.70
C GLU B 265 0.11 -3.78 24.90
N GLU B 266 0.44 -3.50 23.64
CA GLU B 266 -0.45 -2.78 22.73
C GLU B 266 -1.79 -3.53 22.56
N MET B 267 -1.69 -4.84 22.34
CA MET B 267 -2.87 -5.69 22.18
C MET B 267 -3.70 -5.80 23.47
N MET B 268 -3.01 -5.83 24.61
CA MET B 268 -3.66 -5.88 25.92
C MET B 268 -4.51 -4.62 26.18
N ARG B 269 -3.97 -3.47 25.79
CA ARG B 269 -4.68 -2.20 25.93
C ARG B 269 -5.86 -2.08 24.97
N ILE B 270 -5.77 -2.76 23.82
CA ILE B 270 -6.88 -2.81 22.86
C ILE B 270 -8.05 -3.64 23.38
N THR B 271 -7.76 -4.75 24.06
CA THR B 271 -8.81 -5.57 24.68
C THR B 271 -9.44 -4.91 25.90
N GLU B 272 -8.70 -4.03 26.57
CA GLU B 272 -9.25 -3.18 27.63
C GLU B 272 -10.38 -2.31 27.09
N ILE B 273 -10.16 -1.73 25.91
CA ILE B 273 -11.17 -0.93 25.23
C ILE B 273 -12.32 -1.82 24.78
N TRP B 274 -11.97 -3.01 24.29
CA TRP B 274 -12.94 -4.00 23.83
C TRP B 274 -13.91 -4.41 24.94
N VAL B 275 -13.38 -4.72 26.13
CA VAL B 275 -14.22 -5.13 27.26
C VAL B 275 -15.13 -3.98 27.75
N ASP B 276 -14.59 -2.77 27.86
CA ASP B 276 -15.37 -1.60 28.26
C ASP B 276 -16.53 -1.32 27.30
N THR B 277 -16.30 -1.55 26.01
CA THR B 277 -17.31 -1.38 24.97
C THR B 277 -18.39 -2.48 25.08
N ALA B 278 -17.95 -3.72 25.24
CA ALA B 278 -18.85 -4.87 25.37
C ALA B 278 -19.79 -4.75 26.56
N MET B 279 -19.29 -4.18 27.67
CA MET B 279 -20.09 -3.98 28.88
C MET B 279 -21.21 -2.96 28.70
N GLN B 280 -21.06 -2.07 27.72
CA GLN B 280 -22.03 -1.01 27.46
C GLN B 280 -23.10 -1.41 26.43
N LEU B 281 -23.00 -2.63 25.91
CA LEU B 281 -23.92 -3.10 24.85
C LEU B 281 -25.36 -3.25 25.33
N GLY B 282 -26.29 -2.87 24.47
CA GLY B 282 -27.73 -2.90 24.78
C GLY B 282 -28.41 -4.20 24.39
N GLU B 283 -29.72 -4.25 24.61
CA GLU B 283 -30.51 -5.47 24.38
C GLU B 283 -30.62 -5.88 22.91
N LYS B 284 -30.58 -4.90 22.01
CA LYS B 284 -30.61 -5.16 20.56
C LYS B 284 -29.36 -5.93 20.11
N SER B 285 -28.21 -5.53 20.62
CA SER B 285 -26.95 -6.21 20.34
C SER B 285 -26.93 -7.62 20.94
N LEU B 286 -27.43 -7.75 22.16
CA LEU B 286 -27.50 -9.03 22.87
C LEU B 286 -28.40 -10.04 22.16
N ARG B 287 -29.51 -9.56 21.60
CA ARG B 287 -30.42 -10.41 20.84
C ARG B 287 -29.80 -10.88 19.52
N THR B 288 -29.07 -9.98 18.85
CA THR B 288 -28.31 -10.32 17.65
C THR B 288 -27.30 -11.44 17.95
N MET B 289 -26.59 -11.30 19.06
CA MET B 289 -25.63 -12.29 19.52
C MET B 289 -26.30 -13.64 19.79
N ASP B 290 -27.46 -13.61 20.43
CA ASP B 290 -28.25 -14.81 20.71
C ASP B 290 -28.66 -15.57 19.43
N ARG B 291 -29.05 -14.82 18.41
CA ARG B 291 -29.41 -15.40 17.12
C ARG B 291 -28.23 -16.06 16.41
N LEU B 292 -27.07 -15.44 16.52
CA LEU B 292 -25.83 -16.01 15.99
C LEU B 292 -25.42 -17.29 16.74
N VAL B 293 -25.61 -17.28 18.06
CA VAL B 293 -25.34 -18.45 18.89
C VAL B 293 -26.14 -19.68 18.42
N ARG B 294 -27.43 -19.46 18.14
CA ARG B 294 -28.32 -20.52 17.69
C ARG B 294 -27.96 -21.04 16.29
N ALA B 295 -27.52 -20.13 15.41
CA ALA B 295 -27.10 -20.50 14.06
C ALA B 295 -25.77 -21.23 14.06
N GLN B 296 -24.93 -20.92 15.05
CA GLN B 296 -23.67 -21.62 15.29
C GLN B 296 -23.93 -23.01 15.88
N SER C 30 39.78 4.52 -6.74
CA SER C 30 39.81 4.24 -8.21
C SER C 30 38.72 3.25 -8.66
N THR C 31 37.91 2.79 -7.71
CA THR C 31 36.74 1.96 -8.02
C THR C 31 35.59 2.84 -8.49
N LEU C 32 35.73 4.15 -8.29
CA LEU C 32 34.72 5.13 -8.67
C LEU C 32 35.21 6.08 -9.75
N ARG C 33 34.28 6.48 -10.63
CA ARG C 33 34.51 7.58 -11.55
C ARG C 33 33.55 8.70 -11.16
N ILE C 34 34.13 9.80 -10.67
CA ILE C 34 33.36 10.91 -10.14
C ILE C 34 33.24 12.04 -11.17
N ILE C 35 32.01 12.41 -11.48
CA ILE C 35 31.73 13.56 -12.35
C ILE C 35 31.01 14.64 -11.53
N GLU C 36 31.69 15.78 -11.35
CA GLU C 36 31.14 16.87 -10.55
C GLU C 36 30.74 18.07 -11.40
N GLU C 37 29.55 18.61 -11.13
CA GLU C 37 29.08 19.83 -11.77
C GLU C 37 28.83 20.89 -10.70
N PRO C 38 29.90 21.59 -10.26
CA PRO C 38 29.85 22.49 -9.10
C PRO C 38 28.88 23.66 -9.21
N GLN C 39 28.68 24.19 -10.43
CA GLN C 39 27.83 25.37 -10.62
C GLN C 39 26.33 25.02 -10.65
N ARG C 40 26.04 23.73 -10.73
CA ARG C 40 24.69 23.20 -10.81
C ARG C 40 24.43 22.31 -9.59
N ASP C 41 25.50 21.99 -8.87
CA ASP C 41 25.48 21.12 -7.70
C ASP C 41 24.87 19.74 -7.96
N VAL C 42 25.29 19.15 -9.08
CA VAL C 42 24.95 17.77 -9.43
C VAL C 42 26.22 16.93 -9.42
N TYR C 43 26.16 15.78 -8.76
CA TYR C 43 27.34 14.93 -8.55
C TYR C 43 27.05 13.48 -8.91
N TRP C 44 27.84 12.94 -9.85
CA TRP C 44 27.63 11.60 -10.37
C TRP C 44 28.66 10.62 -9.80
N ILE C 45 28.16 9.54 -9.21
CA ILE C 45 29.01 8.46 -8.71
C ILE C 45 28.83 7.23 -9.59
N HIS C 46 29.87 6.91 -10.36
CA HIS C 46 29.86 5.73 -11.22
C HIS C 46 30.67 4.61 -10.58
N MET C 47 29.99 3.53 -10.19
CA MET C 47 30.62 2.37 -9.59
C MET C 47 31.36 1.55 -10.64
N HIS C 48 32.38 0.81 -10.18
CA HIS C 48 33.12 -0.16 -10.99
C HIS C 48 33.89 0.47 -12.15
N ALA C 49 34.58 1.58 -11.86
CA ALA C 49 35.35 2.32 -12.86
C ALA C 49 36.58 1.56 -13.37
N ASP C 50 37.16 0.72 -12.53
CA ASP C 50 38.38 -0.01 -12.89
C ASP C 50 38.13 -1.47 -13.28
N LEU C 51 36.93 -1.75 -13.81
CA LEU C 51 36.59 -3.07 -14.33
C LEU C 51 36.49 -3.04 -15.85
N ARG C 57 34.69 -8.80 -10.61
CA ARG C 57 33.36 -8.95 -10.04
C ARG C 57 32.76 -7.60 -9.65
N ALA C 58 31.59 -7.29 -10.22
CA ALA C 58 30.93 -6.01 -9.99
C ALA C 58 30.06 -6.04 -8.74
N CYS C 59 30.71 -6.21 -7.59
CA CYS C 59 30.05 -6.29 -6.29
C CYS C 59 30.59 -5.23 -5.35
N PHE C 60 30.01 -5.14 -4.16
CA PHE C 60 30.52 -4.26 -3.11
C PHE C 60 31.73 -4.87 -2.42
N SER C 61 32.91 -4.65 -3.01
CA SER C 61 34.17 -5.04 -2.39
C SER C 61 34.52 -3.99 -1.33
N THR C 62 35.45 -4.35 -0.44
CA THR C 62 35.92 -3.46 0.61
C THR C 62 36.41 -2.13 0.04
N ARG C 63 37.16 -2.20 -1.07
CA ARG C 63 37.67 -1.02 -1.75
C ARG C 63 36.55 -0.12 -2.25
N LEU C 64 35.54 -0.71 -2.89
CA LEU C 64 34.40 0.04 -3.41
C LEU C 64 33.62 0.72 -2.29
N VAL C 65 33.39 0.01 -1.20
CA VAL C 65 32.67 0.54 -0.04
C VAL C 65 33.41 1.72 0.60
N ASP C 66 34.70 1.55 0.83
CA ASP C 66 35.55 2.62 1.40
C ASP C 66 35.62 3.86 0.50
N ASP C 67 35.64 3.64 -0.81
CA ASP C 67 35.66 4.74 -1.79
C ASP C 67 34.35 5.52 -1.79
N ILE C 68 33.22 4.81 -1.67
CA ILE C 68 31.90 5.46 -1.61
C ILE C 68 31.76 6.27 -0.32
N THR C 69 31.98 5.64 0.82
CA THR C 69 31.87 6.33 2.12
C THR C 69 32.84 7.50 2.22
N GLY C 70 34.04 7.31 1.70
CA GLY C 70 35.07 8.35 1.67
C GLY C 70 34.64 9.55 0.84
N TYR C 71 34.03 9.29 -0.31
CA TYR C 71 33.52 10.36 -1.16
C TYR C 71 32.26 11.02 -0.57
N GLN C 72 31.37 10.22 0.00
CA GLN C 72 30.16 10.73 0.66
C GLN C 72 30.50 11.73 1.77
N THR C 73 31.46 11.36 2.62
CA THR C 73 31.94 12.20 3.72
C THR C 73 32.58 13.48 3.17
N ASN C 74 33.43 13.33 2.15
CA ASN C 74 34.11 14.45 1.51
C ASN C 74 33.14 15.45 0.87
N LEU C 75 32.25 14.94 0.02
CA LEU C 75 31.28 15.78 -0.69
C LEU C 75 30.29 16.43 0.27
N GLY C 76 29.83 15.67 1.26
CA GLY C 76 28.90 16.16 2.26
C GLY C 76 29.44 17.33 3.07
N GLN C 77 30.71 17.24 3.45
CA GLN C 77 31.38 18.32 4.20
C GLN C 77 31.56 19.57 3.36
N ARG C 78 31.91 19.40 2.08
CA ARG C 78 32.03 20.51 1.14
C ARG C 78 30.70 21.21 0.90
N LEU C 79 29.63 20.43 0.81
CA LEU C 79 28.28 20.96 0.59
C LEU C 79 27.75 21.72 1.81
N ASN C 80 28.04 21.20 3.00
CA ASN C 80 27.63 21.84 4.25
C ASN C 80 28.31 23.19 4.49
N THR C 81 29.63 23.22 4.30
CA THR C 81 30.42 24.44 4.52
C THR C 81 30.14 25.52 3.48
N ALA C 82 29.74 25.10 2.28
CA ALA C 82 29.33 26.03 1.22
C ALA C 82 27.85 26.40 1.31
N GLY C 83 27.14 25.76 2.24
CA GLY C 83 25.72 26.03 2.48
C GLY C 83 24.82 25.75 1.29
N VAL C 84 25.15 24.71 0.52
CA VAL C 84 24.40 24.35 -0.68
C VAL C 84 23.01 23.84 -0.33
N LEU C 85 22.00 24.40 -0.98
CA LEU C 85 20.63 24.00 -0.76
C LEU C 85 20.20 22.95 -1.80
N ALA C 86 19.78 21.79 -1.29
CA ALA C 86 19.26 20.67 -2.10
C ALA C 86 20.15 20.23 -3.27
N PRO C 87 21.39 19.80 -2.97
CA PRO C 87 22.25 19.25 -4.02
C PRO C 87 21.75 17.90 -4.53
N HIS C 88 22.21 17.49 -5.71
CA HIS C 88 21.80 16.22 -6.30
C HIS C 88 22.96 15.25 -6.43
N VAL C 89 22.76 14.04 -5.90
CA VAL C 89 23.76 12.98 -5.97
C VAL C 89 23.17 11.78 -6.71
N VAL C 90 23.89 11.32 -7.74
CA VAL C 90 23.44 10.21 -8.57
C VAL C 90 24.36 9.00 -8.40
N LEU C 91 23.77 7.86 -8.07
CA LEU C 91 24.49 6.60 -7.99
C LEU C 91 24.26 5.80 -9.27
N ALA C 92 25.34 5.60 -10.03
CA ALA C 92 25.28 4.90 -11.31
C ALA C 92 26.40 3.86 -11.40
N SER C 93 26.47 3.19 -12.54
CA SER C 93 27.47 2.14 -12.77
C SER C 93 28.10 2.24 -14.16
N ASP C 94 29.40 1.96 -14.23
CA ASP C 94 30.12 1.88 -15.50
C ASP C 94 30.16 0.46 -16.07
N SER C 95 29.68 -0.49 -15.28
CA SER C 95 29.60 -1.89 -15.71
C SER C 95 28.30 -2.14 -16.48
N ASP C 96 28.18 -3.33 -17.08
CA ASP C 96 26.93 -3.72 -17.76
C ASP C 96 25.86 -4.19 -16.78
N VAL C 97 26.25 -4.35 -15.51
CA VAL C 97 25.30 -4.50 -14.41
C VAL C 97 25.41 -3.30 -13.46
N PHE C 98 24.40 -3.12 -12.60
CA PHE C 98 24.44 -2.05 -11.61
C PHE C 98 25.36 -2.43 -10.45
N ASN C 99 25.00 -3.50 -9.74
CA ASN C 99 25.79 -4.03 -8.63
C ASN C 99 25.22 -5.38 -8.19
N LEU C 100 26.10 -6.37 -8.06
CA LEU C 100 25.66 -7.73 -7.75
C LEU C 100 25.62 -8.07 -6.25
N GLY C 101 25.93 -7.08 -5.42
CA GLY C 101 25.73 -7.20 -3.98
C GLY C 101 27.01 -7.36 -3.18
N GLY C 102 26.94 -8.16 -2.12
CA GLY C 102 28.06 -8.36 -1.22
C GLY C 102 29.20 -9.13 -1.84
N ASP C 103 30.42 -8.90 -1.33
CA ASP C 103 31.60 -9.64 -1.76
C ASP C 103 31.55 -11.05 -1.18
N LEU C 104 30.94 -11.97 -1.94
CA LEU C 104 30.71 -13.34 -1.48
C LEU C 104 32.00 -14.11 -1.25
N ALA C 105 33.01 -13.87 -2.09
CA ALA C 105 34.33 -14.49 -1.93
C ALA C 105 34.96 -14.10 -0.60
N LEU C 106 34.77 -12.85 -0.21
CA LEU C 106 35.20 -12.37 1.11
C LEU C 106 34.37 -13.02 2.22
N PHE C 107 33.06 -13.16 1.98
CA PHE C 107 32.15 -13.78 2.96
C PHE C 107 32.59 -15.22 3.25
N CYS C 108 32.76 -16.01 2.19
CA CYS C 108 33.19 -17.40 2.29
C CYS C 108 34.45 -17.56 3.13
N GLN C 109 35.44 -16.69 2.88
CA GLN C 109 36.71 -16.73 3.57
C GLN C 109 36.57 -16.44 5.07
N LEU C 110 35.88 -15.35 5.41
CA LEU C 110 35.72 -14.92 6.79
C LEU C 110 34.88 -15.89 7.63
N ILE C 111 33.86 -16.47 7.01
CA ILE C 111 33.02 -17.48 7.67
C ILE C 111 33.82 -18.75 7.97
N ARG C 112 34.60 -19.22 7.00
CA ARG C 112 35.43 -20.41 7.18
C ARG C 112 36.53 -20.20 8.21
N GLU C 113 37.03 -18.97 8.30
CA GLU C 113 38.09 -18.60 9.26
C GLU C 113 37.54 -18.23 10.63
N GLY C 114 36.23 -18.02 10.72
CA GLY C 114 35.59 -17.64 11.98
C GLY C 114 35.85 -16.20 12.40
N ASP C 115 36.18 -15.36 11.42
CA ASP C 115 36.53 -13.96 11.67
C ASP C 115 35.28 -13.07 11.71
N ARG C 116 34.58 -13.10 12.84
CA ARG C 116 33.38 -12.29 13.05
C ARG C 116 33.69 -10.79 13.03
N ALA C 117 34.79 -10.41 13.67
CA ALA C 117 35.20 -9.00 13.80
C ALA C 117 35.35 -8.28 12.45
N ARG C 118 36.01 -8.94 11.50
CA ARG C 118 36.21 -8.34 10.17
C ARG C 118 34.94 -8.33 9.33
N LEU C 119 34.10 -9.35 9.49
CA LEU C 119 32.83 -9.42 8.77
C LEU C 119 31.85 -8.36 9.27
N LEU C 120 31.85 -8.12 10.58
CA LEU C 120 31.04 -7.07 11.19
C LEU C 120 31.50 -5.70 10.68
N ASP C 121 32.81 -5.51 10.64
CA ASP C 121 33.42 -4.28 10.15
C ASP C 121 32.99 -3.97 8.71
N TYR C 122 33.03 -4.98 7.86
CA TYR C 122 32.57 -4.85 6.48
C TYR C 122 31.09 -4.48 6.42
N ALA C 123 30.27 -5.19 7.20
CA ALA C 123 28.83 -5.00 7.21
C ALA C 123 28.45 -3.59 7.69
N GLN C 124 29.13 -3.12 8.73
CA GLN C 124 28.90 -1.78 9.27
C GLN C 124 29.24 -0.67 8.29
N ARG C 125 30.32 -0.88 7.52
CA ARG C 125 30.73 0.09 6.50
C ARG C 125 29.76 0.13 5.31
N CYS C 126 29.17 -1.01 5.00
CA CYS C 126 28.14 -1.08 3.96
C CYS C 126 26.88 -0.32 4.39
N VAL C 127 26.55 -0.43 5.68
CA VAL C 127 25.43 0.28 6.27
C VAL C 127 25.62 1.81 6.18
N ARG C 128 26.82 2.28 6.53
CA ARG C 128 27.15 3.70 6.47
C ARG C 128 27.01 4.26 5.06
N GLY C 129 27.43 3.48 4.07
CA GLY C 129 27.31 3.86 2.66
C GLY C 129 25.87 4.07 2.24
N VAL C 130 25.02 3.08 2.48
CA VAL C 130 23.63 3.16 2.07
C VAL C 130 22.78 4.11 2.93
N HIS C 131 23.10 4.23 4.22
CA HIS C 131 22.38 5.17 5.07
C HIS C 131 22.66 6.62 4.68
N ALA C 132 23.90 6.90 4.26
CA ALA C 132 24.28 8.23 3.80
C ALA C 132 23.45 8.69 2.60
N PHE C 133 23.16 7.79 1.66
CA PHE C 133 22.25 8.08 0.55
C PHE C 133 20.84 8.37 1.05
N HIS C 134 20.41 7.62 2.06
CA HIS C 134 19.07 7.72 2.62
C HIS C 134 18.83 9.08 3.31
N VAL C 135 19.85 9.61 3.96
CA VAL C 135 19.74 10.92 4.63
C VAL C 135 20.40 12.06 3.84
N GLY C 136 20.72 11.79 2.58
CA GLY C 136 21.24 12.81 1.68
C GLY C 136 22.62 13.33 2.05
N LEU C 137 23.49 12.40 2.48
CA LEU C 137 24.89 12.69 2.79
C LEU C 137 25.09 13.66 3.96
N GLY C 138 24.03 13.88 4.74
CA GLY C 138 24.05 14.86 5.82
C GLY C 138 24.01 16.29 5.31
N ALA C 139 23.69 16.45 4.03
CA ALA C 139 23.60 17.77 3.40
C ALA C 139 22.25 17.96 2.71
N ARG C 140 21.29 17.12 3.09
CA ARG C 140 19.91 17.14 2.57
C ARG C 140 19.87 17.04 1.04
N ALA C 141 20.74 16.18 0.49
CA ALA C 141 20.84 15.97 -0.94
C ALA C 141 19.69 15.12 -1.46
N HIS C 142 19.40 15.26 -2.76
CA HIS C 142 18.49 14.37 -3.45
C HIS C 142 19.29 13.23 -4.05
N SER C 143 19.13 12.03 -3.49
CA SER C 143 19.82 10.84 -3.96
C SER C 143 19.01 10.13 -5.04
N ILE C 144 19.63 9.92 -6.20
CA ILE C 144 18.98 9.28 -7.33
C ILE C 144 19.79 8.05 -7.74
N ALA C 145 19.12 6.89 -7.77
CA ALA C 145 19.73 5.67 -8.26
C ALA C 145 19.41 5.49 -9.73
N LEU C 146 20.45 5.39 -10.55
CA LEU C 146 20.30 5.13 -11.97
C LEU C 146 20.70 3.68 -12.23
N VAL C 147 19.70 2.83 -12.46
CA VAL C 147 19.91 1.40 -12.60
C VAL C 147 19.73 0.97 -14.06
N GLN C 148 20.86 0.78 -14.75
CA GLN C 148 20.88 0.48 -16.18
C GLN C 148 21.29 -0.97 -16.45
N GLY C 149 21.61 -1.68 -15.37
CA GLY C 149 21.94 -3.10 -15.42
C GLY C 149 21.39 -3.77 -14.18
N ASN C 150 21.58 -5.08 -14.06
CA ASN C 150 21.02 -5.83 -12.94
C ASN C 150 21.53 -5.39 -11.56
N ALA C 151 20.61 -5.35 -10.59
CA ALA C 151 20.94 -4.98 -9.22
C ALA C 151 20.49 -6.07 -8.24
N LEU C 152 21.44 -6.81 -7.71
CA LEU C 152 21.14 -7.97 -6.86
C LEU C 152 21.66 -7.79 -5.44
N GLY C 153 20.89 -8.25 -4.47
CA GLY C 153 21.26 -8.20 -3.06
C GLY C 153 21.59 -6.80 -2.59
N GLY C 154 22.82 -6.62 -2.10
CA GLY C 154 23.32 -5.32 -1.67
C GLY C 154 23.20 -4.26 -2.75
N GLY C 155 23.30 -4.68 -4.01
CA GLY C 155 23.12 -3.78 -5.16
C GLY C 155 21.72 -3.21 -5.23
N PHE C 156 20.72 -4.05 -4.99
CA PHE C 156 19.32 -3.63 -4.95
C PHE C 156 19.07 -2.78 -3.71
N GLU C 157 19.70 -3.15 -2.59
CA GLU C 157 19.61 -2.40 -1.34
C GLU C 157 20.18 -0.98 -1.48
N ALA C 158 21.24 -0.85 -2.26
CA ALA C 158 21.87 0.44 -2.52
C ALA C 158 20.97 1.36 -3.36
N ALA C 159 20.24 0.76 -4.31
CA ALA C 159 19.27 1.49 -5.11
C ALA C 159 18.10 1.93 -4.24
N LEU C 160 17.67 1.06 -3.34
CA LEU C 160 16.57 1.35 -2.41
C LEU C 160 16.93 2.40 -1.36
N SER C 161 18.22 2.64 -1.16
CA SER C 161 18.69 3.64 -0.20
C SER C 161 18.56 5.06 -0.76
N CYS C 162 18.44 5.16 -2.08
CA CYS C 162 18.24 6.45 -2.74
C CYS C 162 16.77 6.85 -2.69
N HIS C 163 16.52 8.15 -2.84
CA HIS C 163 15.17 8.69 -2.75
C HIS C 163 14.36 8.43 -4.01
N THR C 164 15.05 8.34 -5.15
CA THR C 164 14.42 8.08 -6.43
C THR C 164 15.18 6.99 -7.18
N ILE C 165 14.45 6.00 -7.70
CA ILE C 165 15.05 4.93 -8.48
C ILE C 165 14.57 5.00 -9.94
N ILE C 166 15.51 5.25 -10.84
CA ILE C 166 15.27 5.22 -12.28
C ILE C 166 15.84 3.92 -12.84
N ALA C 167 14.98 3.15 -13.50
CA ALA C 167 15.40 1.87 -14.09
C ALA C 167 15.14 1.84 -15.58
N GLU C 168 16.03 1.17 -16.31
CA GLU C 168 15.84 0.95 -17.74
C GLU C 168 15.16 -0.39 -17.98
N GLU C 169 14.41 -0.49 -19.08
CA GLU C 169 13.71 -1.73 -19.45
C GLU C 169 14.68 -2.90 -19.59
N GLY C 170 14.25 -4.07 -19.13
CA GLY C 170 15.06 -5.29 -19.21
C GLY C 170 15.98 -5.53 -18.02
N VAL C 171 16.02 -4.56 -17.11
CA VAL C 171 16.82 -4.65 -15.89
C VAL C 171 16.14 -5.55 -14.87
N MET C 172 16.91 -6.43 -14.24
CA MET C 172 16.40 -7.33 -13.21
C MET C 172 16.95 -6.96 -11.84
N MET C 173 16.08 -6.96 -10.84
CA MET C 173 16.50 -6.70 -9.46
C MET C 173 15.89 -7.74 -8.53
N GLY C 174 16.59 -8.00 -7.43
CA GLY C 174 16.11 -8.95 -6.43
C GLY C 174 17.08 -9.18 -5.28
N LEU C 175 16.68 -10.05 -4.36
CA LEU C 175 17.44 -10.31 -3.16
C LEU C 175 17.71 -11.82 -3.02
N PRO C 176 18.80 -12.30 -3.63
CA PRO C 176 19.07 -13.74 -3.71
C PRO C 176 19.80 -14.34 -2.51
N GLU C 177 20.03 -13.57 -1.46
CA GLU C 177 20.81 -14.06 -0.31
C GLU C 177 20.16 -15.23 0.44
N VAL C 178 18.84 -15.37 0.34
CA VAL C 178 18.14 -16.54 0.91
C VAL C 178 18.54 -17.85 0.24
N LEU C 179 18.98 -17.77 -1.02
CA LEU C 179 19.36 -18.96 -1.78
C LEU C 179 20.61 -19.64 -1.18
N PHE C 180 21.41 -18.88 -0.45
CA PHE C 180 22.48 -19.45 0.37
C PHE C 180 22.22 -19.27 1.88
N ASP C 181 20.93 -19.26 2.24
CA ASP C 181 20.47 -19.27 3.63
C ASP C 181 20.86 -18.03 4.46
N LEU C 182 20.99 -16.90 3.78
CA LEU C 182 21.23 -15.63 4.46
C LEU C 182 20.05 -14.70 4.17
N PHE C 183 20.12 -13.45 4.66
CA PHE C 183 19.09 -12.46 4.38
C PHE C 183 19.73 -11.10 4.04
N PRO C 184 18.99 -10.21 3.34
CA PRO C 184 19.57 -8.91 3.02
C PRO C 184 19.63 -8.03 4.25
N GLY C 185 20.84 -7.72 4.71
CA GLY C 185 21.05 -6.95 5.94
C GLY C 185 21.58 -5.54 5.78
N MET C 186 21.63 -5.06 4.54
CA MET C 186 22.12 -3.71 4.23
C MET C 186 20.96 -2.71 4.11
N GLY C 187 19.85 -3.00 4.81
CA GLY C 187 18.71 -2.09 4.84
C GLY C 187 17.53 -2.43 3.94
N ALA C 188 17.55 -3.62 3.33
CA ALA C 188 16.44 -4.04 2.46
C ALA C 188 15.09 -3.86 3.15
N TYR C 189 14.95 -4.44 4.34
CA TYR C 189 13.72 -4.38 5.12
C TYR C 189 13.33 -2.94 5.49
N SER C 190 14.31 -2.18 5.97
CA SER C 190 14.11 -0.78 6.38
C SER C 190 13.65 0.10 5.22
N PHE C 191 14.25 -0.08 4.05
CA PHE C 191 13.94 0.77 2.89
C PHE C 191 12.65 0.37 2.20
N MET C 192 12.38 -0.93 2.09
CA MET C 192 11.13 -1.42 1.49
C MET C 192 9.90 -1.04 2.31
N CYS C 193 10.03 -1.02 3.64
CA CYS C 193 8.92 -0.62 4.52
C CYS C 193 8.48 0.83 4.34
N GLN C 194 9.29 1.62 3.65
CA GLN C 194 8.93 2.99 3.27
C GLN C 194 7.98 2.98 2.08
N ARG C 195 8.01 1.90 1.30
CA ARG C 195 7.28 1.82 0.02
C ARG C 195 6.12 0.83 0.04
N ILE C 196 6.30 -0.29 0.73
CA ILE C 196 5.30 -1.36 0.81
C ILE C 196 5.10 -1.79 2.27
N SER C 197 4.15 -2.68 2.49
CA SER C 197 3.87 -3.21 3.83
C SER C 197 5.03 -4.05 4.39
N ALA C 198 5.10 -4.11 5.72
CA ALA C 198 6.11 -4.92 6.41
C ALA C 198 6.00 -6.39 6.01
N HIS C 199 4.77 -6.87 5.85
CA HIS C 199 4.52 -8.26 5.49
C HIS C 199 4.99 -8.62 4.09
N LEU C 200 4.67 -7.78 3.10
CA LEU C 200 5.13 -7.99 1.72
C LEU C 200 6.66 -7.87 1.61
N ALA C 201 7.24 -6.93 2.35
CA ALA C 201 8.70 -6.79 2.41
C ALA C 201 9.37 -8.08 2.88
N GLN C 202 8.80 -8.70 3.90
CA GLN C 202 9.26 -10.00 4.41
C GLN C 202 9.22 -11.10 3.35
N LYS C 203 8.09 -11.20 2.64
CA LYS C 203 7.94 -12.19 1.57
C LYS C 203 9.04 -12.05 0.52
N ILE C 204 9.22 -10.84 0.03
CA ILE C 204 10.19 -10.55 -1.03
C ILE C 204 11.61 -10.92 -0.60
N MET C 205 11.94 -10.64 0.66
CA MET C 205 13.25 -10.98 1.21
C MET C 205 13.49 -12.48 1.35
N LEU C 206 12.42 -13.24 1.54
CA LEU C 206 12.55 -14.68 1.81
C LEU C 206 12.20 -15.61 0.64
N GLU C 207 11.68 -15.05 -0.45
CA GLU C 207 11.34 -15.85 -1.62
C GLU C 207 12.52 -16.06 -2.57
N GLY C 208 13.36 -15.03 -2.72
CA GLY C 208 14.53 -15.10 -3.59
C GLY C 208 14.20 -15.10 -5.06
N ASN C 209 13.19 -14.33 -5.44
CA ASN C 209 12.83 -14.15 -6.84
C ASN C 209 13.48 -12.90 -7.41
N LEU C 210 13.72 -12.91 -8.71
CA LEU C 210 14.12 -11.70 -9.42
C LEU C 210 12.91 -11.07 -10.09
N TYR C 211 12.90 -9.73 -10.16
CA TYR C 211 11.80 -9.00 -10.76
C TYR C 211 12.32 -8.04 -11.82
N SER C 212 11.57 -7.91 -12.91
CA SER C 212 11.90 -6.94 -13.95
C SER C 212 11.56 -5.53 -13.48
N ALA C 213 12.10 -4.54 -14.18
CA ALA C 213 11.84 -3.13 -13.87
C ALA C 213 10.34 -2.81 -13.89
N GLU C 214 9.63 -3.33 -14.90
CA GLU C 214 8.19 -3.12 -15.05
C GLU C 214 7.41 -3.69 -13.87
N GLN C 215 7.81 -4.88 -13.42
CA GLN C 215 7.18 -5.53 -12.26
C GLN C 215 7.40 -4.72 -10.98
N LEU C 216 8.63 -4.27 -10.77
CA LEU C 216 8.98 -3.46 -9.60
C LEU C 216 8.26 -2.12 -9.56
N LEU C 217 8.03 -1.54 -10.75
CA LEU C 217 7.25 -0.31 -10.87
C LEU C 217 5.82 -0.52 -10.36
N GLY C 218 5.20 -1.62 -10.77
CA GLY C 218 3.85 -1.98 -10.34
C GLY C 218 3.76 -2.25 -8.85
N MET C 219 4.85 -2.77 -8.30
CA MET C 219 4.95 -3.06 -6.87
C MET C 219 5.29 -1.82 -6.03
N GLY C 220 5.69 -0.73 -6.70
CA GLY C 220 6.04 0.52 -6.03
C GLY C 220 7.46 0.54 -5.49
N LEU C 221 8.29 -0.38 -5.97
CA LEU C 221 9.68 -0.49 -5.51
C LEU C 221 10.65 0.23 -6.42
N VAL C 222 10.14 0.69 -7.57
CA VAL C 222 10.88 1.50 -8.52
C VAL C 222 9.99 2.67 -8.92
N ASP C 223 10.60 3.83 -9.16
CA ASP C 223 9.84 5.06 -9.38
C ASP C 223 9.58 5.37 -10.84
N ARG C 224 10.49 4.95 -11.71
CA ARG C 224 10.33 5.18 -13.15
C ARG C 224 11.09 4.17 -14.00
N VAL C 225 10.42 3.70 -15.05
CA VAL C 225 11.01 2.78 -16.01
C VAL C 225 11.03 3.45 -17.39
N VAL C 226 12.22 3.50 -17.99
CA VAL C 226 12.43 4.13 -19.30
C VAL C 226 13.07 3.13 -20.26
N PRO C 227 12.95 3.37 -21.59
CA PRO C 227 13.61 2.49 -22.57
C PRO C 227 15.13 2.44 -22.42
N ARG C 228 15.75 1.39 -22.96
CA ARG C 228 17.20 1.21 -22.93
C ARG C 228 17.94 2.42 -23.48
N GLY C 229 18.94 2.89 -22.72
CA GLY C 229 19.76 4.03 -23.13
C GLY C 229 19.08 5.39 -22.98
N GLN C 230 18.03 5.45 -22.17
CA GLN C 230 17.32 6.71 -21.92
C GLN C 230 17.35 7.13 -20.45
N GLY C 231 18.09 6.35 -19.64
CA GLY C 231 18.16 6.57 -18.20
C GLY C 231 18.75 7.92 -17.78
N VAL C 232 19.83 8.33 -18.45
CA VAL C 232 20.50 9.59 -18.15
C VAL C 232 19.56 10.78 -18.36
N ALA C 233 18.84 10.79 -19.49
CA ALA C 233 17.86 11.82 -19.79
C ALA C 233 16.72 11.86 -18.77
N ALA C 234 16.31 10.69 -18.28
CA ALA C 234 15.27 10.58 -17.26
C ALA C 234 15.74 11.13 -15.92
N VAL C 235 17.00 10.87 -15.58
CA VAL C 235 17.61 11.43 -14.37
C VAL C 235 17.71 12.96 -14.47
N GLU C 236 18.08 13.45 -15.66
CA GLU C 236 18.17 14.89 -15.91
C GLU C 236 16.83 15.61 -15.75
N GLN C 237 15.75 14.95 -16.15
CA GLN C 237 14.40 15.46 -15.94
C GLN C 237 14.00 15.53 -14.47
N VAL C 238 14.38 14.50 -13.71
CA VAL C 238 14.13 14.48 -12.27
C VAL C 238 14.92 15.59 -11.58
N ILE C 239 16.19 15.71 -11.93
CA ILE C 239 17.06 16.77 -11.39
C ILE C 239 16.47 18.15 -11.68
N ARG C 240 16.13 18.40 -12.94
CA ARG C 240 15.58 19.68 -13.37
C ARG C 240 14.24 20.00 -12.69
N GLU C 241 13.49 18.95 -12.36
CA GLU C 241 12.20 19.10 -11.68
C GLU C 241 12.36 19.55 -10.23
N SER C 242 13.30 18.94 -9.50
CA SER C 242 13.50 19.25 -8.09
C SER C 242 14.47 20.42 -7.86
N LYS C 243 15.19 20.80 -8.91
CA LYS C 243 16.07 21.98 -8.86
C LYS C 243 15.28 23.27 -8.74
N ARG C 244 14.05 23.27 -9.25
CA ARG C 244 13.19 24.44 -9.18
C ARG C 244 12.46 24.58 -7.84
N THR C 245 12.47 23.52 -7.04
CA THR C 245 11.90 23.57 -5.71
C THR C 245 12.90 23.11 -4.63
N PRO C 246 14.04 23.84 -4.49
CA PRO C 246 15.07 23.41 -3.55
C PRO C 246 14.70 23.59 -2.08
N HIS C 247 14.00 24.68 -1.75
CA HIS C 247 13.52 24.91 -0.38
C HIS C 247 12.53 23.84 0.05
N ALA C 248 11.61 23.47 -0.85
CA ALA C 248 10.62 22.43 -0.59
C ALA C 248 11.29 21.08 -0.34
N TRP C 249 12.29 20.75 -1.16
CA TRP C 249 13.02 19.50 -0.99
C TRP C 249 13.72 19.41 0.36
N ALA C 250 14.51 20.44 0.67
CA ALA C 250 15.30 20.48 1.90
C ALA C 250 14.43 20.42 3.14
N ALA C 251 13.29 21.12 3.11
CA ALA C 251 12.31 21.08 4.20
C ALA C 251 11.75 19.68 4.40
N MET C 252 11.48 18.98 3.29
CA MET C 252 10.95 17.62 3.34
C MET C 252 11.93 16.62 3.95
N GLN C 253 13.22 16.86 3.74
CA GLN C 253 14.26 16.04 4.36
C GLN C 253 14.25 16.21 5.88
N GLN C 254 14.08 17.45 6.33
CA GLN C 254 13.97 17.75 7.76
C GLN C 254 12.76 17.05 8.37
N VAL C 255 11.66 17.00 7.62
CA VAL C 255 10.43 16.34 8.04
C VAL C 255 10.65 14.82 8.11
N ARG C 256 11.34 14.27 7.13
CA ARG C 256 11.74 12.87 7.14
C ARG C 256 12.60 12.54 8.35
N GLU C 257 13.63 13.37 8.59
CA GLU C 257 14.56 13.20 9.71
C GLU C 257 13.84 12.99 11.05
N MET C 258 12.78 13.76 11.28
CA MET C 258 12.04 13.71 12.55
C MET C 258 10.81 12.77 12.54
N THR C 259 10.57 12.08 11.42
CA THR C 259 9.44 11.14 11.34
C THR C 259 9.82 9.74 10.88
N THR C 260 9.86 9.54 9.57
CA THR C 260 9.93 8.20 8.97
C THR C 260 11.34 7.73 8.59
N ALA C 261 12.33 8.62 8.69
CA ALA C 261 13.71 8.28 8.32
C ALA C 261 14.22 7.10 9.12
N VAL C 262 14.94 6.21 8.45
CA VAL C 262 15.52 5.04 9.10
C VAL C 262 16.73 5.48 9.91
N PRO C 263 16.71 5.22 11.23
CA PRO C 263 17.85 5.57 12.08
C PRO C 263 19.03 4.65 11.79
N LEU C 264 20.23 5.22 11.76
CA LEU C 264 21.47 4.48 11.55
C LEU C 264 21.60 3.32 12.53
N GLU C 265 21.33 3.59 13.81
CA GLU C 265 21.40 2.61 14.88
C GLU C 265 20.58 1.35 14.61
N GLU C 266 19.37 1.55 14.09
CA GLU C 266 18.48 0.44 13.73
C GLU C 266 19.14 -0.48 12.70
N MET C 267 19.73 0.12 11.68
CA MET C 267 20.41 -0.62 10.62
C MET C 267 21.67 -1.33 11.13
N MET C 268 22.38 -0.69 12.06
CA MET C 268 23.57 -1.28 12.67
C MET C 268 23.24 -2.54 13.46
N ARG C 269 22.11 -2.51 14.17
CA ARG C 269 21.64 -3.66 14.93
C ARG C 269 21.15 -4.79 14.04
N ILE C 270 20.66 -4.44 12.85
CA ILE C 270 20.23 -5.43 11.86
C ILE C 270 21.43 -6.18 11.26
N THR C 271 22.54 -5.47 11.01
CA THR C 271 23.76 -6.12 10.53
C THR C 271 24.45 -6.97 11.59
N GLU C 272 24.24 -6.63 12.86
CA GLU C 272 24.71 -7.48 13.98
C GLU C 272 24.07 -8.86 13.90
N ILE C 273 22.77 -8.89 13.61
CA ILE C 273 22.03 -10.12 13.42
C ILE C 273 22.52 -10.82 12.14
N TRP C 274 22.75 -10.04 11.11
CA TRP C 274 23.26 -10.52 9.83
C TRP C 274 24.60 -11.26 9.97
N VAL C 275 25.54 -10.65 10.70
CA VAL C 275 26.86 -11.26 10.89
C VAL C 275 26.79 -12.55 11.71
N ASP C 276 26.01 -12.54 12.79
CA ASP C 276 25.82 -13.72 13.64
C ASP C 276 25.22 -14.89 12.85
N THR C 277 24.32 -14.58 11.93
CA THR C 277 23.69 -15.57 11.06
C THR C 277 24.70 -16.13 10.05
N ALA C 278 25.45 -15.23 9.42
CA ALA C 278 26.47 -15.60 8.43
C ALA C 278 27.54 -16.52 9.01
N MET C 279 27.91 -16.29 10.27
CA MET C 279 28.92 -17.10 10.95
C MET C 279 28.47 -18.53 11.21
N GLN C 280 27.15 -18.74 11.24
CA GLN C 280 26.59 -20.07 11.51
C GLN C 280 26.31 -20.88 10.24
N LEU C 281 26.62 -20.31 9.08
CA LEU C 281 26.33 -20.96 7.80
C LEU C 281 27.15 -22.22 7.55
N GLY C 282 26.50 -23.23 6.98
CA GLY C 282 27.12 -24.53 6.72
C GLY C 282 27.77 -24.64 5.36
N GLU C 283 28.32 -25.82 5.06
CA GLU C 283 29.07 -26.06 3.83
C GLU C 283 28.22 -26.01 2.56
N LYS C 284 26.94 -26.35 2.67
CA LYS C 284 26.01 -26.28 1.54
C LYS C 284 25.81 -24.83 1.08
N SER C 285 25.66 -23.93 2.04
CA SER C 285 25.53 -22.50 1.77
C SER C 285 26.81 -21.92 1.18
N LEU C 286 27.96 -22.32 1.74
CA LEU C 286 29.26 -21.88 1.27
C LEU C 286 29.57 -22.31 -0.16
N ARG C 287 29.15 -23.53 -0.52
CA ARG C 287 29.30 -24.02 -1.90
C ARG C 287 28.41 -23.26 -2.89
N THR C 288 27.18 -22.96 -2.46
CA THR C 288 26.27 -22.11 -3.24
C THR C 288 26.89 -20.74 -3.53
N MET C 289 27.49 -20.15 -2.49
CA MET C 289 28.18 -18.86 -2.61
C MET C 289 29.36 -18.94 -3.58
N ASP C 290 30.13 -20.04 -3.50
CA ASP C 290 31.26 -20.28 -4.39
C ASP C 290 30.85 -20.36 -5.86
N ARG C 291 29.71 -21.00 -6.13
CA ARG C 291 29.17 -21.11 -7.49
C ARG C 291 28.74 -19.75 -8.05
N LEU C 292 28.15 -18.93 -7.19
CA LEU C 292 27.76 -17.57 -7.56
C LEU C 292 28.97 -16.70 -7.84
N VAL C 293 30.04 -16.87 -7.05
CA VAL C 293 31.30 -16.15 -7.23
C VAL C 293 31.89 -16.40 -8.63
N ARG C 294 31.86 -17.66 -9.05
CA ARG C 294 32.38 -18.07 -10.36
C ARG C 294 31.52 -17.51 -11.52
N ALA C 295 30.21 -17.47 -11.31
CA ALA C 295 29.29 -16.95 -12.33
C ALA C 295 29.33 -15.43 -12.42
N GLN C 296 29.52 -14.80 -11.26
CA GLN C 296 29.47 -13.35 -11.10
C GLN C 296 30.83 -12.69 -11.33
N MET D 15 -8.61 35.18 -34.27
CA MET D 15 -8.23 34.77 -32.88
C MET D 15 -7.30 35.77 -32.22
N ARG D 16 -7.39 35.86 -30.89
CA ARG D 16 -6.52 36.72 -30.10
C ARG D 16 -5.37 35.88 -29.56
N MET D 17 -4.15 36.20 -30.00
CA MET D 17 -2.98 35.37 -29.72
C MET D 17 -1.98 36.02 -28.77
N LEU D 18 -1.45 35.22 -27.85
CA LEU D 18 -0.41 35.64 -26.94
C LEU D 18 0.82 34.75 -27.13
N VAL D 19 1.96 35.38 -27.40
CA VAL D 19 3.19 34.67 -27.73
C VAL D 19 4.31 35.04 -26.76
N ALA D 20 5.02 34.01 -26.27
CA ALA D 20 6.16 34.22 -25.39
C ALA D 20 7.42 33.51 -25.91
N ASP D 21 8.48 34.29 -26.12
CA ASP D 21 9.80 33.78 -26.47
C ASP D 21 10.85 34.79 -26.04
N ASP D 22 11.95 34.29 -25.47
CA ASP D 22 13.00 35.16 -24.93
C ASP D 22 13.87 35.83 -25.99
N HIS D 23 13.85 35.30 -27.22
CA HIS D 23 14.60 35.89 -28.33
C HIS D 23 13.73 36.75 -29.24
N GLU D 24 14.27 37.91 -29.62
CA GLU D 24 13.55 38.90 -30.42
C GLU D 24 13.15 38.37 -31.80
N ALA D 25 14.09 37.69 -32.46
CA ALA D 25 13.85 37.14 -33.80
C ALA D 25 12.66 36.16 -33.84
N ASN D 26 12.60 35.27 -32.85
CA ASN D 26 11.51 34.29 -32.75
C ASN D 26 10.13 34.92 -32.58
N ARG D 27 10.05 35.97 -31.77
CA ARG D 27 8.80 36.72 -31.59
C ARG D 27 8.37 37.39 -32.89
N MET D 28 9.36 37.89 -33.65
CA MET D 28 9.10 38.60 -34.90
C MET D 28 8.57 37.70 -36.01
N VAL D 29 9.17 36.52 -36.17
CA VAL D 29 8.73 35.56 -37.21
C VAL D 29 7.35 34.98 -36.90
N LEU D 30 7.05 34.80 -35.62
CA LEU D 30 5.74 34.30 -35.19
C LEU D 30 4.64 35.34 -35.36
N GLN D 31 4.95 36.59 -35.01
CA GLN D 31 4.01 37.71 -35.18
C GLN D 31 3.66 37.92 -36.66
N ARG D 32 4.67 37.87 -37.52
CA ARG D 32 4.50 38.08 -38.96
C ARG D 32 3.63 37.01 -39.64
N LEU D 33 3.88 35.75 -39.33
CA LEU D 33 3.20 34.64 -40.01
C LEU D 33 1.73 34.47 -39.61
N LEU D 34 1.41 34.71 -38.34
CA LEU D 34 0.04 34.51 -37.87
C LEU D 34 -0.82 35.78 -37.86
N GLU D 35 -0.24 36.90 -38.32
CA GLU D 35 -1.04 38.08 -38.66
C GLU D 35 -1.74 37.85 -40.00
N LYS D 36 -1.08 37.09 -40.87
CA LYS D 36 -1.65 36.64 -42.13
C LYS D 36 -2.58 35.45 -41.91
N HIS D 39 -4.72 36.77 -37.47
CA HIS D 39 -4.97 36.85 -36.03
C HIS D 39 -4.30 38.08 -35.41
N LYS D 40 -4.88 38.57 -34.31
CA LYS D 40 -4.26 39.63 -33.51
C LYS D 40 -3.24 39.01 -32.56
N VAL D 41 -2.09 39.68 -32.42
CA VAL D 41 -0.96 39.13 -31.67
C VAL D 41 -0.45 40.09 -30.59
N LEU D 42 -0.03 39.52 -29.46
CA LEU D 42 0.80 40.23 -28.50
C LEU D 42 2.00 39.35 -28.14
N CYS D 43 3.20 39.91 -28.31
CA CYS D 43 4.44 39.20 -28.01
C CYS D 43 5.04 39.69 -26.71
N VAL D 44 5.53 38.74 -25.92
CA VAL D 44 6.09 39.05 -24.61
C VAL D 44 7.41 38.29 -24.40
N ASN D 45 8.23 38.75 -23.45
CA ASN D 45 9.62 38.31 -23.33
C ASN D 45 9.88 37.03 -22.52
N GLY D 46 8.89 36.61 -21.71
CA GLY D 46 9.05 35.45 -20.84
C GLY D 46 7.75 34.89 -20.29
N ALA D 47 7.89 33.86 -19.46
CA ALA D 47 6.72 33.14 -18.91
C ALA D 47 5.94 33.94 -17.88
N GLU D 48 6.63 34.76 -17.09
CA GLU D 48 5.98 35.57 -16.06
C GLU D 48 5.13 36.68 -16.67
N GLN D 49 5.59 37.21 -17.80
CA GLN D 49 4.94 38.32 -18.48
C GLN D 49 3.66 37.91 -19.21
N VAL D 50 3.60 36.67 -19.69
CA VAL D 50 2.38 36.14 -20.30
C VAL D 50 1.31 35.90 -19.24
N LEU D 51 1.72 35.43 -18.07
CA LEU D 51 0.81 35.25 -16.94
C LEU D 51 0.24 36.60 -16.48
N ASP D 52 1.08 37.63 -16.46
CA ASP D 52 0.66 39.00 -16.17
C ASP D 52 -0.33 39.53 -17.22
N ALA D 53 -0.09 39.19 -18.49
CA ALA D 53 -0.95 39.61 -19.59
C ALA D 53 -2.32 38.94 -19.56
N MET D 54 -2.33 37.65 -19.18
CA MET D 54 -3.56 36.86 -19.15
C MET D 54 -4.53 37.31 -18.06
N ALA D 55 -4.00 37.97 -17.05
CA ALA D 55 -4.81 38.52 -15.96
C ALA D 55 -5.42 39.88 -16.35
N GLU D 56 -4.79 40.55 -17.30
CA GLU D 56 -5.25 41.86 -17.76
C GLU D 56 -6.26 41.73 -18.91
N GLU D 57 -5.98 40.81 -19.83
CA GLU D 57 -6.86 40.55 -20.97
C GLU D 57 -7.04 39.05 -21.21
N ASP D 58 -8.10 38.70 -21.93
CA ASP D 58 -8.38 37.30 -22.27
C ASP D 58 -7.91 36.98 -23.69
N TYR D 59 -7.34 35.79 -23.85
CA TYR D 59 -6.78 35.35 -25.14
C TYR D 59 -7.34 33.99 -25.56
N ASP D 60 -7.42 33.78 -26.87
CA ASP D 60 -7.97 32.54 -27.43
C ASP D 60 -6.99 31.37 -27.33
N ALA D 61 -5.70 31.68 -27.42
CA ALA D 61 -4.64 30.67 -27.34
C ALA D 61 -3.30 31.30 -26.99
N VAL D 62 -2.46 30.56 -26.28
CA VAL D 62 -1.13 31.02 -25.89
C VAL D 62 -0.06 30.12 -26.53
N ILE D 63 0.88 30.74 -27.24
CA ILE D 63 2.04 30.04 -27.78
C ILE D 63 3.27 30.38 -26.94
N VAL D 64 3.82 29.38 -26.28
CA VAL D 64 4.95 29.57 -25.37
C VAL D 64 6.21 28.84 -25.83
N ASP D 65 7.36 29.51 -25.69
CA ASP D 65 8.65 28.89 -25.91
C ASP D 65 9.01 28.07 -24.69
N LEU D 66 9.44 26.82 -24.91
CA LEU D 66 9.77 25.93 -23.81
C LEU D 66 10.95 26.43 -22.98
N HIS D 67 12.06 26.77 -23.65
CA HIS D 67 13.26 27.16 -22.93
C HIS D 67 13.49 28.67 -22.89
N MET D 68 13.19 29.22 -21.72
CA MET D 68 13.42 30.63 -21.42
C MET D 68 14.06 30.72 -20.05
N PRO D 69 14.93 31.73 -19.82
CA PRO D 69 15.55 31.92 -18.51
C PRO D 69 14.54 32.36 -17.44
N GLY D 70 14.84 32.07 -16.18
CA GLY D 70 13.98 32.45 -15.05
C GLY D 70 12.83 31.48 -14.86
N MET D 71 11.79 31.64 -15.68
CA MET D 71 10.65 30.72 -15.71
C MET D 71 10.46 30.19 -17.12
N ASN D 72 10.48 28.87 -17.26
CA ASN D 72 10.31 28.24 -18.56
C ASN D 72 8.86 27.88 -18.86
N GLY D 73 8.62 27.31 -20.04
CA GLY D 73 7.27 26.94 -20.49
C GLY D 73 6.57 25.92 -19.62
N LEU D 74 7.31 24.92 -19.15
CA LEU D 74 6.76 23.87 -18.29
C LEU D 74 6.24 24.38 -16.95
N ASP D 75 6.90 25.38 -16.38
CA ASP D 75 6.46 26.02 -15.14
C ASP D 75 5.15 26.75 -15.35
N MET D 76 5.07 27.47 -16.46
CA MET D 76 3.90 28.25 -16.82
C MET D 76 2.68 27.33 -16.90
N LEU D 77 2.83 26.20 -17.59
CA LEU D 77 1.79 25.18 -17.68
C LEU D 77 1.33 24.69 -16.30
N LYS D 78 2.30 24.38 -15.44
CA LYS D 78 2.01 23.90 -14.09
C LYS D 78 1.38 24.98 -13.21
N GLN D 79 1.80 26.22 -13.43
CA GLN D 79 1.20 27.36 -12.74
C GLN D 79 -0.21 27.69 -13.24
N LEU D 80 -0.43 27.54 -14.54
CA LEU D 80 -1.74 27.75 -15.13
C LEU D 80 -2.74 26.69 -14.68
N ARG D 81 -2.28 25.44 -14.57
CA ARG D 81 -3.14 24.33 -14.13
C ARG D 81 -3.81 24.62 -12.78
N VAL D 82 -3.02 25.07 -11.80
CA VAL D 82 -3.57 25.43 -10.48
C VAL D 82 -4.40 26.71 -10.51
N MET D 83 -3.95 27.70 -11.29
CA MET D 83 -4.69 28.94 -11.47
C MET D 83 -6.08 28.68 -12.07
N GLN D 84 -6.12 27.83 -13.09
CA GLN D 84 -7.36 27.45 -13.76
C GLN D 84 -8.32 26.64 -12.86
N ALA D 85 -7.76 25.95 -11.88
CA ALA D 85 -8.56 25.25 -10.88
C ALA D 85 -8.94 26.18 -9.72
N SER D 86 -8.32 27.36 -9.69
CA SER D 86 -8.58 28.35 -8.64
C SER D 86 -9.61 29.42 -9.06
N GLY D 87 -10.09 29.35 -10.30
CA GLY D 87 -11.12 30.26 -10.78
C GLY D 87 -10.80 30.99 -12.07
N MET D 88 -9.55 30.90 -12.51
CA MET D 88 -9.11 31.56 -13.74
C MET D 88 -9.74 30.90 -14.97
N ARG D 89 -10.10 31.74 -15.94
CA ARG D 89 -10.61 31.30 -17.24
C ARG D 89 -9.63 30.35 -17.92
N TYR D 90 -10.14 29.26 -18.46
CA TYR D 90 -9.31 28.32 -19.23
C TYR D 90 -8.93 28.91 -20.58
N THR D 91 -7.66 28.74 -20.94
CA THR D 91 -7.17 29.11 -22.27
C THR D 91 -6.06 28.16 -22.75
N PRO D 92 -6.20 27.63 -23.98
CA PRO D 92 -5.30 26.64 -24.58
C PRO D 92 -3.86 27.13 -24.69
N VAL D 93 -2.91 26.24 -24.40
CA VAL D 93 -1.50 26.56 -24.50
C VAL D 93 -0.77 25.57 -25.40
N VAL D 94 -0.08 26.10 -26.40
CA VAL D 94 0.78 25.31 -27.28
C VAL D 94 2.25 25.66 -27.06
N VAL D 95 3.09 24.63 -26.94
CA VAL D 95 4.51 24.80 -26.64
C VAL D 95 5.37 24.71 -27.90
N LEU D 96 6.39 25.56 -27.97
CA LEU D 96 7.37 25.54 -29.06
C LEU D 96 8.78 25.39 -28.51
N SER D 97 9.57 24.54 -29.15
CA SER D 97 11.00 24.41 -28.84
C SER D 97 11.79 23.68 -29.93
N ALA D 98 13.11 23.87 -29.92
CA ALA D 98 14.01 23.08 -30.74
C ALA D 98 14.27 21.74 -30.06
N ASP D 99 13.91 21.66 -28.78
CA ASP D 99 13.90 20.42 -28.01
C ASP D 99 12.67 19.61 -28.38
N VAL D 100 12.89 18.45 -28.98
CA VAL D 100 11.82 17.58 -29.43
C VAL D 100 11.93 16.18 -28.81
N THR D 101 12.70 16.10 -27.72
CA THR D 101 12.90 14.85 -26.98
C THR D 101 11.59 14.44 -26.30
N PRO D 102 11.21 13.14 -26.41
CA PRO D 102 10.01 12.62 -25.76
C PRO D 102 9.99 12.95 -24.26
N GLU D 103 11.18 13.06 -23.68
CA GLU D 103 11.37 13.46 -22.30
C GLU D 103 10.67 14.80 -22.04
N ALA D 104 10.92 15.77 -22.92
CA ALA D 104 10.32 17.10 -22.83
C ALA D 104 8.85 17.14 -23.27
N ILE D 105 8.49 16.29 -24.23
CA ILE D 105 7.11 16.22 -24.72
C ILE D 105 6.18 15.63 -23.67
N ARG D 106 6.66 14.58 -22.98
CA ARG D 106 5.91 13.93 -21.90
C ARG D 106 5.60 14.92 -20.77
N ALA D 107 6.61 15.67 -20.35
CA ALA D 107 6.47 16.65 -19.27
C ALA D 107 5.38 17.68 -19.55
N CYS D 108 5.36 18.21 -20.77
CA CYS D 108 4.38 19.23 -21.16
C CYS D 108 2.98 18.65 -21.32
N GLU D 109 2.87 17.48 -21.94
CA GLU D 109 1.58 16.78 -22.10
C GLU D 109 0.94 16.50 -20.74
N GLN D 110 1.75 16.05 -19.78
CA GLN D 110 1.30 15.78 -18.41
C GLN D 110 0.89 17.05 -17.68
N ALA D 111 1.49 18.18 -18.05
CA ALA D 111 1.21 19.48 -17.42
C ALA D 111 0.05 20.22 -18.09
N GLY D 112 -0.58 19.57 -19.07
CA GLY D 112 -1.78 20.11 -19.70
C GLY D 112 -1.59 20.91 -20.98
N ALA D 113 -0.43 20.78 -21.60
CA ALA D 113 -0.17 21.41 -22.89
C ALA D 113 -0.98 20.73 -23.98
N ARG D 114 -1.75 21.52 -24.72
CA ARG D 114 -2.65 20.99 -25.75
C ARG D 114 -1.92 20.56 -27.03
N ALA D 115 -0.81 21.21 -27.34
CA ALA D 115 -0.02 20.90 -28.53
C ALA D 115 1.46 21.18 -28.31
N PHE D 116 2.29 20.37 -28.96
CA PHE D 116 3.74 20.53 -28.90
C PHE D 116 4.29 20.50 -30.33
N LEU D 117 4.74 21.65 -30.81
CA LEU D 117 5.23 21.78 -32.18
C LEU D 117 6.71 22.16 -32.23
N ALA D 118 7.40 21.64 -33.25
CA ALA D 118 8.84 21.82 -33.38
C ALA D 118 9.21 23.21 -33.89
N LYS D 119 10.35 23.70 -33.41
CA LYS D 119 10.97 24.93 -33.91
C LYS D 119 12.16 24.57 -34.80
N PRO D 120 12.36 25.31 -35.93
CA PRO D 120 11.55 26.43 -36.44
C PRO D 120 10.15 25.98 -36.82
N VAL D 121 9.17 26.82 -36.53
CA VAL D 121 7.76 26.45 -36.68
C VAL D 121 7.33 26.39 -38.15
N VAL D 122 6.64 25.30 -38.50
CA VAL D 122 6.00 25.17 -39.81
C VAL D 122 4.67 25.90 -39.75
N ALA D 123 4.51 26.90 -40.61
CA ALA D 123 3.32 27.74 -40.65
C ALA D 123 2.03 26.94 -40.87
N ALA D 124 2.10 25.93 -41.73
CA ALA D 124 0.97 25.05 -42.01
C ALA D 124 0.54 24.23 -40.80
N LYS D 125 1.52 23.67 -40.09
CA LYS D 125 1.26 22.86 -38.89
C LYS D 125 0.81 23.67 -37.68
N LEU D 126 1.27 24.92 -37.59
CA LEU D 126 0.88 25.81 -36.51
C LEU D 126 -0.57 26.28 -36.68
N LEU D 127 -0.90 26.78 -37.87
CA LEU D 127 -2.23 27.32 -38.15
C LEU D 127 -3.34 26.27 -38.13
N ASP D 128 -3.01 25.05 -38.54
CA ASP D 128 -3.97 23.93 -38.51
C ASP D 128 -4.28 23.46 -37.10
N THR D 129 -3.26 23.47 -36.23
CA THR D 129 -3.42 23.10 -34.83
C THR D 129 -4.15 24.19 -34.04
N LEU D 130 -3.96 25.44 -34.44
CA LEU D 130 -4.66 26.58 -33.84
C LEU D 130 -6.14 26.58 -34.22
N ALA D 131 -6.43 26.15 -35.45
CA ALA D 131 -7.80 26.03 -35.95
C ALA D 131 -8.58 24.91 -35.24
N ASP D 132 -7.86 23.88 -34.83
CA ASP D 132 -8.44 22.75 -34.08
C ASP D 132 -8.89 23.15 -32.68
N LEU D 133 -8.30 24.20 -32.13
CA LEU D 133 -8.56 24.65 -30.75
C LEU D 133 -9.92 25.32 -30.59
N ALA D 134 -10.14 26.41 -31.33
CA ALA D 134 -11.42 27.12 -31.28
C ALA D 134 -12.04 27.23 -32.67
N ARG E 16 -42.66 -21.70 -1.16
CA ARG E 16 -42.80 -21.10 0.19
C ARG E 16 -42.01 -19.79 0.27
N MET E 17 -42.74 -18.67 0.27
CA MET E 17 -42.14 -17.33 0.27
C MET E 17 -42.19 -16.65 1.62
N LEU E 18 -41.27 -15.72 1.84
CA LEU E 18 -41.24 -14.88 3.03
C LEU E 18 -40.86 -13.45 2.64
N VAL E 19 -41.83 -12.55 2.72
CA VAL E 19 -41.64 -11.16 2.29
C VAL E 19 -41.67 -10.20 3.48
N ALA E 20 -40.75 -9.23 3.48
CA ALA E 20 -40.67 -8.22 4.52
C ALA E 20 -40.58 -6.82 3.93
N ASP E 21 -41.48 -5.94 4.38
CA ASP E 21 -41.53 -4.55 3.92
C ASP E 21 -42.02 -3.63 5.03
N ASP E 22 -41.51 -2.40 5.05
CA ASP E 22 -41.91 -1.40 6.05
C ASP E 22 -43.29 -0.81 5.75
N HIS E 23 -43.58 -0.62 4.46
CA HIS E 23 -44.89 -0.13 4.03
C HIS E 23 -45.92 -1.25 4.14
N GLU E 24 -46.99 -1.00 4.88
CA GLU E 24 -48.07 -1.97 5.05
C GLU E 24 -48.91 -2.16 3.78
N ALA E 25 -48.83 -1.17 2.88
CA ALA E 25 -49.49 -1.24 1.58
C ALA E 25 -48.71 -2.13 0.61
N ASN E 26 -47.38 -2.08 0.69
CA ASN E 26 -46.52 -2.89 -0.17
C ASN E 26 -46.49 -4.37 0.18
N ARG E 27 -46.84 -4.69 1.43
CA ARG E 27 -46.85 -6.07 1.91
C ARG E 27 -47.96 -6.91 1.29
N MET E 28 -49.16 -6.35 1.24
CA MET E 28 -50.34 -7.07 0.74
C MET E 28 -50.39 -7.21 -0.78
N VAL E 29 -49.84 -6.24 -1.49
CA VAL E 29 -49.85 -6.25 -2.96
C VAL E 29 -48.89 -7.27 -3.56
N LEU E 30 -47.87 -7.65 -2.78
CA LEU E 30 -46.93 -8.70 -3.18
C LEU E 30 -47.47 -10.08 -2.83
N GLN E 31 -48.34 -10.14 -1.81
CA GLN E 31 -48.95 -11.39 -1.33
C GLN E 31 -49.92 -11.99 -2.35
N ARG E 32 -50.43 -11.14 -3.25
CA ARG E 32 -51.41 -11.55 -4.26
C ARG E 32 -50.79 -12.44 -5.34
N LEU E 33 -49.74 -11.94 -5.99
CA LEU E 33 -49.08 -12.68 -7.06
C LEU E 33 -48.04 -13.65 -6.51
N LYS E 40 -48.82 -19.55 -0.88
CA LYS E 40 -47.80 -20.08 0.02
C LYS E 40 -46.82 -18.97 0.41
N VAL E 41 -47.35 -17.87 0.93
CA VAL E 41 -46.56 -16.68 1.26
C VAL E 41 -46.88 -16.17 2.66
N LEU E 42 -45.84 -15.91 3.45
CA LEU E 42 -46.00 -15.31 4.78
C LEU E 42 -45.33 -13.94 4.83
N CYS E 43 -46.09 -12.94 5.26
CA CYS E 43 -45.59 -11.56 5.37
C CYS E 43 -45.27 -11.20 6.80
N VAL E 44 -44.21 -10.41 6.97
CA VAL E 44 -43.80 -9.93 8.29
C VAL E 44 -43.27 -8.50 8.20
N ASN E 45 -43.38 -7.77 9.31
CA ASN E 45 -42.96 -6.37 9.37
C ASN E 45 -41.61 -6.16 10.06
N GLY E 46 -40.63 -5.70 9.30
CA GLY E 46 -39.30 -5.43 9.83
C GLY E 46 -38.23 -6.40 9.36
N ALA E 47 -36.97 -6.04 9.59
CA ALA E 47 -35.82 -6.86 9.18
C ALA E 47 -35.41 -7.88 10.25
N GLU E 48 -35.65 -7.55 11.51
CA GLU E 48 -35.36 -8.48 12.62
C GLU E 48 -36.40 -9.59 12.69
N GLN E 49 -37.62 -9.29 12.25
CA GLN E 49 -38.74 -10.23 12.32
C GLN E 49 -38.64 -11.35 11.29
N VAL E 50 -38.10 -11.03 10.11
CA VAL E 50 -37.85 -12.03 9.06
C VAL E 50 -36.71 -12.98 9.47
N LEU E 51 -35.72 -12.44 10.17
CA LEU E 51 -34.64 -13.26 10.73
C LEU E 51 -35.14 -14.22 11.81
N ASP E 52 -36.08 -13.75 12.63
CA ASP E 52 -36.72 -14.57 13.65
C ASP E 52 -37.64 -15.63 13.04
N ALA E 53 -38.19 -15.31 11.86
CA ALA E 53 -39.05 -16.24 11.12
C ALA E 53 -38.23 -17.34 10.44
N MET E 54 -37.05 -16.98 9.94
CA MET E 54 -36.16 -17.92 9.25
C MET E 54 -35.56 -18.96 10.20
N ALA E 55 -35.48 -18.63 11.48
CA ALA E 55 -35.04 -19.56 12.52
C ALA E 55 -36.18 -20.48 12.95
N GLU E 56 -37.41 -19.99 12.81
CA GLU E 56 -38.62 -20.73 13.19
C GLU E 56 -38.86 -21.91 12.26
N GLU E 57 -39.06 -21.63 10.97
CA GLU E 57 -39.18 -22.67 9.95
C GLU E 57 -38.37 -22.31 8.70
N ASP E 58 -38.15 -23.29 7.83
CA ASP E 58 -37.37 -23.09 6.62
C ASP E 58 -38.19 -22.47 5.49
N TYR E 59 -37.51 -21.70 4.63
CA TYR E 59 -38.16 -21.06 3.48
C TYR E 59 -37.34 -21.27 2.20
N ASP E 60 -38.00 -21.19 1.06
CA ASP E 60 -37.35 -21.40 -0.23
C ASP E 60 -36.63 -20.15 -0.74
N ALA E 61 -37.27 -18.99 -0.58
CA ALA E 61 -36.68 -17.71 -0.98
C ALA E 61 -37.26 -16.56 -0.16
N VAL E 62 -36.44 -15.52 0.04
CA VAL E 62 -36.85 -14.33 0.79
C VAL E 62 -36.78 -13.08 -0.09
N ILE E 63 -37.90 -12.37 -0.17
CA ILE E 63 -37.96 -11.09 -0.88
C ILE E 63 -37.98 -9.95 0.14
N VAL E 64 -37.00 -9.06 0.04
CA VAL E 64 -36.82 -8.01 1.04
C VAL E 64 -36.75 -6.60 0.41
N ASP E 65 -37.27 -5.61 1.13
CA ASP E 65 -37.16 -4.21 0.74
C ASP E 65 -35.84 -3.64 1.25
N LEU E 66 -35.13 -2.91 0.39
CA LEU E 66 -33.83 -2.34 0.75
C LEU E 66 -33.96 -1.24 1.80
N HIS E 67 -34.80 -0.23 1.51
CA HIS E 67 -34.94 0.93 2.38
C HIS E 67 -36.05 0.73 3.41
N MET E 68 -35.70 0.13 4.54
CA MET E 68 -36.58 -0.01 5.69
C MET E 68 -35.95 0.74 6.87
N PRO E 69 -36.76 1.52 7.61
CA PRO E 69 -36.25 2.18 8.82
C PRO E 69 -35.89 1.18 9.91
N GLY E 70 -35.04 1.60 10.85
CA GLY E 70 -34.57 0.73 11.92
C GLY E 70 -33.43 -0.16 11.45
N MET E 71 -33.79 -1.21 10.71
CA MET E 71 -32.83 -2.11 10.09
C MET E 71 -33.19 -2.31 8.61
N ASN E 72 -32.19 -2.15 7.73
CA ASN E 72 -32.42 -2.20 6.29
C ASN E 72 -32.02 -3.52 5.62
N GLY E 73 -32.29 -3.62 4.32
CA GLY E 73 -32.01 -4.84 3.55
C GLY E 73 -30.54 -5.25 3.54
N LEU E 74 -29.66 -4.25 3.44
CA LEU E 74 -28.22 -4.50 3.40
C LEU E 74 -27.70 -5.10 4.70
N ASP E 75 -28.21 -4.59 5.83
CA ASP E 75 -27.82 -5.08 7.15
C ASP E 75 -28.31 -6.51 7.38
N MET E 76 -29.50 -6.81 6.87
CA MET E 76 -30.08 -8.15 6.95
C MET E 76 -29.26 -9.13 6.12
N LEU E 77 -28.88 -8.73 4.92
CA LEU E 77 -28.02 -9.52 4.02
C LEU E 77 -26.69 -9.84 4.68
N LYS E 78 -26.07 -8.82 5.29
CA LYS E 78 -24.81 -8.97 6.00
C LYS E 78 -24.95 -9.90 7.19
N GLN E 79 -26.09 -9.79 7.88
CA GLN E 79 -26.35 -10.61 9.05
C GLN E 79 -26.69 -12.04 8.67
N LEU E 80 -27.45 -12.22 7.59
CA LEU E 80 -27.75 -13.56 7.06
C LEU E 80 -26.51 -14.26 6.52
N ARG E 81 -25.64 -13.49 5.88
CA ARG E 81 -24.38 -14.01 5.32
C ARG E 81 -23.53 -14.71 6.39
N VAL E 82 -23.37 -14.05 7.55
CA VAL E 82 -22.62 -14.64 8.66
C VAL E 82 -23.32 -15.86 9.27
N MET E 83 -24.66 -15.79 9.39
CA MET E 83 -25.45 -16.90 9.90
C MET E 83 -25.33 -18.14 9.01
N GLN E 84 -25.40 -17.93 7.70
CA GLN E 84 -25.24 -19.00 6.71
C GLN E 84 -23.81 -19.57 6.72
N ALA E 85 -22.83 -18.72 7.01
CA ALA E 85 -21.44 -19.15 7.14
C ALA E 85 -21.22 -19.90 8.45
N SER E 86 -22.07 -19.64 9.44
CA SER E 86 -21.97 -20.26 10.76
C SER E 86 -22.59 -21.67 10.80
N GLY E 87 -23.59 -21.92 9.96
CA GLY E 87 -24.21 -23.24 9.87
C GLY E 87 -25.68 -23.27 9.51
N MET E 88 -26.27 -22.11 9.28
CA MET E 88 -27.68 -22.01 8.89
C MET E 88 -27.88 -22.46 7.43
N ARG E 89 -29.05 -23.04 7.16
CA ARG E 89 -29.48 -23.37 5.81
C ARG E 89 -29.44 -22.13 4.90
N TYR E 90 -28.94 -22.32 3.68
CA TYR E 90 -28.89 -21.25 2.69
C TYR E 90 -30.24 -21.00 2.05
N THR E 91 -30.64 -19.73 1.98
CA THR E 91 -31.82 -19.32 1.23
C THR E 91 -31.47 -18.10 0.38
N PRO E 92 -31.74 -18.15 -0.94
CA PRO E 92 -31.49 -17.01 -1.83
C PRO E 92 -32.34 -15.79 -1.48
N VAL E 93 -31.78 -14.60 -1.69
CA VAL E 93 -32.47 -13.35 -1.37
C VAL E 93 -32.55 -12.44 -2.59
N VAL E 94 -33.73 -11.87 -2.83
CA VAL E 94 -33.95 -10.89 -3.89
C VAL E 94 -34.40 -9.55 -3.27
N VAL E 95 -33.75 -8.47 -3.68
CA VAL E 95 -33.96 -7.15 -3.08
C VAL E 95 -34.83 -6.22 -3.94
N LEU E 96 -35.72 -5.49 -3.28
CA LEU E 96 -36.58 -4.49 -3.93
C LEU E 96 -36.25 -3.09 -3.40
N SER E 97 -36.24 -2.09 -4.29
CA SER E 97 -36.02 -0.69 -3.91
C SER E 97 -36.38 0.28 -5.02
N ALA E 98 -36.75 1.51 -4.63
CA ALA E 98 -36.95 2.60 -5.57
C ALA E 98 -35.62 3.11 -6.12
N ASP E 99 -34.55 2.88 -5.36
CA ASP E 99 -33.21 3.26 -5.74
C ASP E 99 -32.60 2.20 -6.68
N VAL E 100 -31.96 2.67 -7.74
CA VAL E 100 -31.43 1.78 -8.78
C VAL E 100 -29.95 2.10 -9.13
N THR E 101 -29.35 3.01 -8.37
CA THR E 101 -27.96 3.45 -8.59
C THR E 101 -26.95 2.31 -8.44
N PRO E 102 -25.90 2.29 -9.29
CA PRO E 102 -24.85 1.25 -9.28
C PRO E 102 -24.12 1.09 -7.94
N GLU E 103 -24.14 2.12 -7.10
CA GLU E 103 -23.50 2.09 -5.79
C GLU E 103 -24.38 1.44 -4.71
N ALA E 104 -25.65 1.20 -5.04
CA ALA E 104 -26.57 0.50 -4.15
C ALA E 104 -26.59 -1.00 -4.44
N ILE E 105 -26.46 -1.34 -5.73
CA ILE E 105 -26.36 -2.74 -6.17
C ILE E 105 -25.00 -3.31 -5.75
N ARG E 106 -23.98 -2.45 -5.79
CA ARG E 106 -22.61 -2.79 -5.40
C ARG E 106 -22.57 -3.50 -4.04
N ALA E 107 -23.14 -2.85 -3.02
CA ALA E 107 -23.10 -3.35 -1.66
C ALA E 107 -23.96 -4.61 -1.46
N CYS E 108 -25.07 -4.69 -2.17
CA CYS E 108 -26.01 -5.81 -2.04
C CYS E 108 -25.49 -7.11 -2.65
N GLU E 109 -24.90 -7.02 -3.84
CA GLU E 109 -24.36 -8.20 -4.53
C GLU E 109 -23.12 -8.78 -3.82
N GLN E 110 -22.44 -7.94 -3.04
CA GLN E 110 -21.27 -8.36 -2.28
C GLN E 110 -21.64 -8.77 -0.85
N ALA E 111 -22.93 -8.78 -0.55
CA ALA E 111 -23.44 -9.17 0.76
C ALA E 111 -24.18 -10.51 0.73
N GLY E 112 -24.56 -10.94 -0.47
CA GLY E 112 -25.19 -12.26 -0.65
C GLY E 112 -26.42 -12.30 -1.55
N ALA E 113 -26.86 -11.13 -2.02
CA ALA E 113 -28.04 -11.04 -2.88
C ALA E 113 -27.78 -11.59 -4.28
N ARG E 114 -28.78 -12.26 -4.84
CA ARG E 114 -28.66 -12.87 -6.17
C ARG E 114 -29.38 -12.05 -7.25
N ALA E 115 -30.50 -11.43 -6.88
CA ALA E 115 -31.27 -10.64 -7.82
C ALA E 115 -31.67 -9.28 -7.23
N PHE E 116 -31.77 -8.27 -8.10
CA PHE E 116 -32.12 -6.91 -7.70
C PHE E 116 -33.26 -6.38 -8.56
N LEU E 117 -34.28 -5.81 -7.92
CA LEU E 117 -35.48 -5.33 -8.62
C LEU E 117 -35.94 -3.95 -8.16
N ALA E 118 -36.72 -3.28 -9.01
CA ALA E 118 -37.19 -1.92 -8.75
C ALA E 118 -38.54 -1.87 -8.02
N LYS E 119 -38.95 -0.68 -7.60
CA LYS E 119 -40.23 -0.47 -6.91
C LYS E 119 -41.04 0.69 -7.52
N PRO E 120 -42.33 0.47 -7.82
CA PRO E 120 -43.08 -0.78 -7.68
C PRO E 120 -42.51 -1.90 -8.55
N VAL E 121 -42.59 -3.14 -8.06
CA VAL E 121 -41.99 -4.29 -8.74
C VAL E 121 -42.68 -4.61 -10.08
N VAL E 122 -41.87 -5.05 -11.03
CA VAL E 122 -42.37 -5.52 -12.32
C VAL E 122 -42.71 -7.00 -12.16
N ALA E 123 -43.97 -7.35 -12.41
CA ALA E 123 -44.50 -8.69 -12.14
C ALA E 123 -43.83 -9.81 -12.95
N ALA E 124 -43.40 -9.48 -14.17
CA ALA E 124 -42.76 -10.45 -15.06
C ALA E 124 -41.36 -10.87 -14.60
N LYS E 125 -40.55 -9.88 -14.22
CA LYS E 125 -39.17 -10.13 -13.78
C LYS E 125 -39.09 -10.80 -12.41
N LEU E 126 -40.11 -10.61 -11.58
CA LEU E 126 -40.16 -11.18 -10.23
C LEU E 126 -40.33 -12.70 -10.28
N LEU E 127 -41.32 -13.17 -11.02
CA LEU E 127 -41.67 -14.59 -11.08
C LEU E 127 -40.65 -15.42 -11.85
N ASP E 128 -40.09 -14.86 -12.92
CA ASP E 128 -39.14 -15.56 -13.78
C ASP E 128 -37.81 -15.84 -13.09
N THR E 129 -37.30 -14.85 -12.35
CA THR E 129 -36.02 -14.98 -11.64
C THR E 129 -36.09 -15.93 -10.44
N LEU E 130 -37.28 -16.05 -9.85
CA LEU E 130 -37.51 -16.97 -8.73
C LEU E 130 -37.48 -18.44 -9.17
N ALA E 131 -37.84 -18.69 -10.42
CA ALA E 131 -37.84 -20.03 -10.98
C ALA E 131 -36.44 -20.50 -11.39
N ASP E 132 -35.55 -19.53 -11.64
CA ASP E 132 -34.18 -19.81 -12.06
C ASP E 132 -33.30 -20.34 -10.92
N LEU E 133 -33.73 -20.09 -9.69
CA LEU E 133 -32.96 -20.46 -8.50
C LEU E 133 -32.98 -21.97 -8.22
N ALA E 134 -34.18 -22.54 -8.18
CA ALA E 134 -34.37 -23.96 -7.92
C ALA E 134 -34.77 -24.72 -9.19
N MET F 15 22.82 -29.66 -31.41
CA MET F 15 22.36 -29.24 -30.04
C MET F 15 23.03 -30.08 -28.94
N ARG F 16 23.37 -29.42 -27.84
CA ARG F 16 23.99 -30.09 -26.70
C ARG F 16 23.05 -30.03 -25.50
N MET F 17 22.60 -31.20 -25.05
CA MET F 17 21.59 -31.30 -24.01
C MET F 17 22.14 -31.69 -22.64
N LEU F 18 21.39 -31.34 -21.60
CA LEU F 18 21.73 -31.70 -20.22
C LEU F 18 20.44 -32.03 -19.45
N VAL F 19 20.27 -33.31 -19.14
CA VAL F 19 19.06 -33.79 -18.46
C VAL F 19 19.36 -34.16 -17.02
N ALA F 20 18.42 -33.86 -16.12
CA ALA F 20 18.57 -34.17 -14.70
C ALA F 20 17.28 -34.75 -14.12
N ASP F 21 17.40 -35.93 -13.49
CA ASP F 21 16.27 -36.59 -12.83
C ASP F 21 16.78 -37.51 -11.72
N ASP F 22 16.01 -37.60 -10.64
CA ASP F 22 16.39 -38.43 -9.48
C ASP F 22 16.13 -39.92 -9.72
N HIS F 23 15.13 -40.22 -10.56
CA HIS F 23 14.78 -41.61 -10.88
C HIS F 23 15.68 -42.21 -11.96
N GLU F 24 16.00 -43.50 -11.79
CA GLU F 24 16.87 -44.23 -12.71
C GLU F 24 16.20 -44.53 -14.05
N ALA F 25 14.89 -44.77 -14.02
CA ALA F 25 14.13 -45.15 -15.21
C ALA F 25 13.89 -43.99 -16.17
N ASN F 26 13.76 -42.78 -15.61
CA ASN F 26 13.49 -41.58 -16.40
C ASN F 26 14.70 -41.07 -17.19
N ARG F 27 15.88 -41.18 -16.61
CA ARG F 27 17.13 -40.74 -17.25
C ARG F 27 17.45 -41.56 -18.50
N MET F 28 17.13 -42.85 -18.45
CA MET F 28 17.48 -43.79 -19.51
C MET F 28 16.58 -43.69 -20.74
N VAL F 29 15.28 -43.47 -20.51
CA VAL F 29 14.32 -43.36 -21.62
C VAL F 29 14.47 -42.05 -22.41
N LEU F 30 14.86 -40.98 -21.72
CA LEU F 30 15.04 -39.67 -22.33
C LEU F 30 16.33 -39.56 -23.13
N GLN F 31 17.36 -40.29 -22.69
CA GLN F 31 18.66 -40.28 -23.35
C GLN F 31 18.64 -41.04 -24.68
N ARG F 32 17.79 -42.07 -24.75
CA ARG F 32 17.67 -42.92 -25.94
C ARG F 32 16.92 -42.24 -27.08
N LEU F 33 15.90 -41.45 -26.74
CA LEU F 33 15.09 -40.77 -27.76
C LEU F 33 15.75 -39.48 -28.27
N LEU F 34 16.64 -38.92 -27.45
CA LEU F 34 17.40 -37.73 -27.83
C LEU F 34 18.72 -38.09 -28.51
N LYS F 40 23.45 -35.42 -28.54
CA LYS F 40 24.45 -35.14 -27.51
C LYS F 40 23.76 -34.84 -26.18
N VAL F 41 23.88 -35.76 -25.22
CA VAL F 41 23.19 -35.67 -23.93
C VAL F 41 24.10 -36.08 -22.77
N LEU F 42 24.08 -35.28 -21.70
CA LEU F 42 24.69 -35.67 -20.43
C LEU F 42 23.60 -35.75 -19.36
N CYS F 43 23.65 -36.83 -18.58
CA CYS F 43 22.70 -37.05 -17.49
C CYS F 43 23.38 -36.99 -16.13
N VAL F 44 22.71 -36.32 -15.19
CA VAL F 44 23.19 -36.24 -13.81
C VAL F 44 22.00 -36.36 -12.83
N ASN F 45 22.29 -36.71 -11.58
CA ASN F 45 21.25 -37.04 -10.60
C ASN F 45 20.49 -35.85 -10.02
N GLY F 46 21.17 -35.03 -9.23
CA GLY F 46 20.53 -33.97 -8.46
C GLY F 46 20.43 -32.62 -9.15
N ALA F 47 19.83 -31.66 -8.44
CA ALA F 47 19.73 -30.28 -8.91
C ALA F 47 21.02 -29.52 -8.67
N GLU F 48 21.73 -29.89 -7.61
CA GLU F 48 23.02 -29.27 -7.28
C GLU F 48 24.08 -29.63 -8.32
N GLN F 49 23.97 -30.83 -8.87
CA GLN F 49 24.94 -31.36 -9.82
C GLN F 49 24.81 -30.75 -11.21
N VAL F 50 23.58 -30.48 -11.63
CA VAL F 50 23.30 -29.84 -12.92
C VAL F 50 23.76 -28.36 -12.91
N LEU F 51 23.74 -27.75 -11.73
CA LEU F 51 24.31 -26.41 -11.54
C LEU F 51 25.83 -26.43 -11.59
N ASP F 52 26.42 -27.54 -11.10
CA ASP F 52 27.86 -27.76 -11.17
C ASP F 52 28.30 -28.03 -12.61
N ALA F 53 27.50 -28.81 -13.33
CA ALA F 53 27.79 -29.18 -14.72
C ALA F 53 27.72 -27.98 -15.67
N MET F 54 26.78 -27.08 -15.40
CA MET F 54 26.59 -25.87 -16.20
C MET F 54 27.69 -24.83 -15.99
N ALA F 55 28.29 -24.86 -14.80
CA ALA F 55 29.38 -23.93 -14.46
C ALA F 55 30.65 -24.21 -15.25
N GLU F 56 30.86 -25.48 -15.60
CA GLU F 56 32.06 -25.90 -16.34
C GLU F 56 31.83 -25.85 -17.85
N GLU F 57 30.75 -26.48 -18.30
CA GLU F 57 30.45 -26.59 -19.74
C GLU F 57 29.28 -25.68 -20.16
N ASP F 58 29.20 -25.42 -21.46
CA ASP F 58 28.07 -24.67 -22.03
C ASP F 58 27.08 -25.62 -22.69
N TYR F 59 25.78 -25.34 -22.52
CA TYR F 59 24.73 -26.18 -23.07
C TYR F 59 23.65 -25.38 -23.79
N ASP F 60 23.05 -26.00 -24.81
CA ASP F 60 21.99 -25.37 -25.59
C ASP F 60 20.66 -25.32 -24.82
N ALA F 61 20.34 -26.39 -24.11
CA ALA F 61 19.13 -26.46 -23.28
C ALA F 61 19.26 -27.47 -22.14
N VAL F 62 18.53 -27.21 -21.05
CA VAL F 62 18.53 -28.08 -19.88
C VAL F 62 17.13 -28.64 -19.63
N ILE F 63 17.03 -29.95 -19.48
CA ILE F 63 15.77 -30.61 -19.12
C ILE F 63 15.85 -31.08 -17.67
N VAL F 64 14.90 -30.64 -16.86
CA VAL F 64 14.94 -30.91 -15.42
C VAL F 64 13.60 -31.37 -14.85
N ASP F 65 13.66 -32.29 -13.90
CA ASP F 65 12.49 -32.77 -13.17
C ASP F 65 12.16 -31.81 -12.04
N LEU F 66 10.88 -31.49 -11.87
CA LEU F 66 10.44 -30.54 -10.86
C LEU F 66 10.60 -31.08 -9.44
N HIS F 67 10.01 -32.25 -9.18
CA HIS F 67 10.04 -32.84 -7.85
C HIS F 67 11.23 -33.78 -7.66
N MET F 68 12.28 -33.24 -7.04
CA MET F 68 13.48 -34.00 -6.71
C MET F 68 13.84 -33.76 -5.24
N PRO F 69 14.33 -34.79 -4.54
CA PRO F 69 14.72 -34.67 -3.14
C PRO F 69 15.83 -33.64 -2.89
N GLY F 70 15.81 -33.00 -1.73
CA GLY F 70 16.78 -31.96 -1.38
C GLY F 70 16.44 -30.66 -2.08
N MET F 71 17.16 -30.38 -3.17
CA MET F 71 16.90 -29.23 -4.01
C MET F 71 16.01 -29.64 -5.18
N ASN F 72 14.92 -28.90 -5.38
CA ASN F 72 13.97 -29.21 -6.45
C ASN F 72 14.18 -28.36 -7.71
N GLY F 73 13.34 -28.57 -8.71
CA GLY F 73 13.41 -27.85 -9.98
C GLY F 73 13.27 -26.35 -9.87
N LEU F 74 12.40 -25.91 -8.95
CA LEU F 74 12.15 -24.48 -8.72
C LEU F 74 13.33 -23.81 -8.00
N ASP F 75 13.86 -24.47 -6.97
CA ASP F 75 15.03 -23.98 -6.24
C ASP F 75 16.23 -23.84 -7.16
N MET F 76 16.40 -24.81 -8.05
CA MET F 76 17.44 -24.77 -9.07
C MET F 76 17.18 -23.63 -10.05
N LEU F 77 15.91 -23.47 -10.42
CA LEU F 77 15.49 -22.45 -11.38
C LEU F 77 15.77 -21.04 -10.86
N LYS F 78 15.42 -20.78 -9.61
CA LYS F 78 15.69 -19.49 -8.96
C LYS F 78 17.19 -19.21 -8.88
N GLN F 79 17.95 -20.24 -8.52
CA GLN F 79 19.40 -20.12 -8.39
C GLN F 79 20.08 -19.94 -9.75
N LEU F 80 19.50 -20.54 -10.78
CA LEU F 80 20.00 -20.39 -12.14
C LEU F 80 19.72 -18.98 -12.66
N ARG F 81 18.54 -18.46 -12.30
CA ARG F 81 18.11 -17.12 -12.68
C ARG F 81 19.09 -16.05 -12.18
N VAL F 82 19.51 -16.14 -10.93
CA VAL F 82 20.50 -15.21 -10.36
C VAL F 82 21.88 -15.38 -11.00
N MET F 83 22.22 -16.61 -11.36
CA MET F 83 23.48 -16.91 -12.05
C MET F 83 23.54 -16.27 -13.43
N GLN F 84 22.44 -16.37 -14.18
CA GLN F 84 22.34 -15.76 -15.52
C GLN F 84 22.33 -14.23 -15.45
N ALA F 85 21.73 -13.70 -14.39
CA ALA F 85 21.70 -12.25 -14.15
C ALA F 85 23.06 -11.73 -13.66
N SER F 86 23.91 -12.65 -13.19
CA SER F 86 25.25 -12.32 -12.73
C SER F 86 26.29 -12.27 -13.86
N GLY F 87 25.88 -12.75 -15.04
CA GLY F 87 26.76 -12.73 -16.22
C GLY F 87 26.81 -14.02 -17.00
N MET F 88 26.43 -15.13 -16.34
CA MET F 88 26.46 -16.47 -16.93
C MET F 88 25.63 -16.55 -18.21
N ARG F 89 26.16 -17.26 -19.21
CA ARG F 89 25.49 -17.40 -20.50
C ARG F 89 24.12 -18.05 -20.33
N TYR F 90 23.14 -17.53 -21.06
CA TYR F 90 21.76 -18.00 -20.96
C TYR F 90 21.56 -19.39 -21.57
N THR F 91 20.85 -20.24 -20.83
CA THR F 91 20.39 -21.53 -21.33
C THR F 91 18.91 -21.69 -20.96
N PRO F 92 18.04 -21.96 -21.96
CA PRO F 92 16.63 -22.22 -21.72
C PRO F 92 16.41 -23.52 -20.93
N VAL F 93 15.44 -23.51 -20.02
CA VAL F 93 15.15 -24.67 -19.17
C VAL F 93 13.71 -25.15 -19.34
N VAL F 94 13.56 -26.43 -19.69
CA VAL F 94 12.25 -27.08 -19.78
C VAL F 94 12.04 -27.98 -18.56
N VAL F 95 10.87 -27.86 -17.94
CA VAL F 95 10.55 -28.59 -16.71
C VAL F 95 9.58 -29.74 -16.98
N LEU F 96 9.82 -30.87 -16.30
CA LEU F 96 8.94 -32.03 -16.36
C LEU F 96 8.39 -32.37 -14.98
N SER F 97 7.08 -32.62 -14.89
CA SER F 97 6.44 -32.97 -13.63
C SER F 97 5.12 -33.72 -13.83
N ALA F 98 4.78 -34.55 -12.84
CA ALA F 98 3.52 -35.28 -12.83
C ALA F 98 2.35 -34.37 -12.46
N ASP F 99 2.62 -33.36 -11.62
CA ASP F 99 1.60 -32.41 -11.20
C ASP F 99 1.30 -31.37 -12.28
N VAL F 100 0.02 -31.26 -12.63
CA VAL F 100 -0.43 -30.31 -13.66
C VAL F 100 -1.03 -29.04 -13.00
N THR F 101 -0.88 -28.94 -11.69
CA THR F 101 -1.42 -27.83 -10.89
C THR F 101 -0.98 -26.46 -11.44
N PRO F 102 -1.95 -25.55 -11.67
CA PRO F 102 -1.69 -24.24 -12.26
C PRO F 102 -0.79 -23.33 -11.41
N GLU F 103 -0.75 -23.59 -10.11
CA GLU F 103 0.08 -22.80 -9.18
C GLU F 103 1.57 -23.12 -9.28
N ALA F 104 1.87 -24.35 -9.71
CA ALA F 104 3.26 -24.80 -9.88
C ALA F 104 3.83 -24.36 -11.22
N ILE F 105 2.99 -24.33 -12.26
CA ILE F 105 3.39 -23.89 -13.60
C ILE F 105 3.74 -22.40 -13.59
N ARG F 106 2.88 -21.59 -12.97
CA ARG F 106 3.08 -20.14 -12.87
C ARG F 106 4.36 -19.77 -12.11
N ALA F 107 4.65 -20.50 -11.03
CA ALA F 107 5.83 -20.25 -10.21
C ALA F 107 7.14 -20.52 -10.94
N CYS F 108 7.13 -21.51 -11.83
CA CYS F 108 8.31 -21.90 -12.60
C CYS F 108 8.66 -20.90 -13.70
N GLU F 109 7.65 -20.48 -14.48
CA GLU F 109 7.85 -19.50 -15.54
C GLU F 109 8.17 -18.11 -15.01
N GLN F 110 7.73 -17.82 -13.77
CA GLN F 110 8.08 -16.59 -13.09
C GLN F 110 9.49 -16.68 -12.49
N ALA F 111 10.03 -17.89 -12.42
CA ALA F 111 11.41 -18.11 -11.98
C ALA F 111 12.38 -18.16 -13.18
N GLY F 112 11.83 -18.38 -14.37
CA GLY F 112 12.62 -18.33 -15.60
C GLY F 112 12.40 -19.45 -16.61
N ALA F 113 11.47 -20.36 -16.32
CA ALA F 113 11.20 -21.51 -17.18
C ALA F 113 10.59 -21.10 -18.52
N ARG F 114 11.09 -21.71 -19.60
CA ARG F 114 10.61 -21.41 -20.95
C ARG F 114 9.56 -22.40 -21.45
N ALA F 115 9.54 -23.60 -20.86
CA ALA F 115 8.58 -24.63 -21.23
C ALA F 115 8.17 -25.47 -20.01
N PHE F 116 6.98 -26.08 -20.10
CA PHE F 116 6.44 -26.92 -19.04
C PHE F 116 5.68 -28.09 -19.66
N LEU F 117 6.15 -29.31 -19.38
CA LEU F 117 5.55 -30.52 -19.95
C LEU F 117 5.18 -31.56 -18.90
N ALA F 118 4.07 -32.25 -19.12
CA ALA F 118 3.55 -33.25 -18.18
C ALA F 118 4.30 -34.58 -18.26
N LYS F 119 4.31 -35.32 -17.16
CA LYS F 119 4.97 -36.63 -17.09
C LYS F 119 3.95 -37.78 -16.98
N PRO F 120 4.17 -38.88 -17.73
CA PRO F 120 5.29 -39.12 -18.65
C PRO F 120 5.15 -38.34 -19.95
N VAL F 121 6.24 -37.73 -20.40
CA VAL F 121 6.24 -36.84 -21.55
C VAL F 121 6.22 -37.57 -22.89
N VAL F 122 5.39 -37.08 -23.82
CA VAL F 122 5.35 -37.59 -25.18
C VAL F 122 6.60 -37.11 -25.93
N ALA F 123 7.29 -38.04 -26.56
CA ALA F 123 8.56 -37.78 -27.24
C ALA F 123 8.47 -36.70 -28.33
N ALA F 124 7.41 -36.78 -29.14
CA ALA F 124 7.20 -35.87 -30.27
C ALA F 124 7.04 -34.41 -29.84
N LYS F 125 6.32 -34.19 -28.75
CA LYS F 125 6.07 -32.84 -28.25
C LYS F 125 7.29 -32.23 -27.54
N LEU F 126 8.15 -33.09 -27.00
CA LEU F 126 9.40 -32.66 -26.37
C LEU F 126 10.40 -32.15 -27.42
N LEU F 127 10.54 -32.90 -28.50
CA LEU F 127 11.48 -32.56 -29.58
C LEU F 127 11.08 -31.29 -30.32
N ASP F 128 9.77 -31.06 -30.44
CA ASP F 128 9.24 -29.87 -31.09
C ASP F 128 9.41 -28.62 -30.24
N THR F 129 9.26 -28.77 -28.93
CA THR F 129 9.47 -27.67 -27.98
C THR F 129 10.95 -27.31 -27.83
N LEU F 130 11.82 -28.30 -28.03
CA LEU F 130 13.27 -28.08 -28.05
C LEU F 130 13.69 -27.36 -29.33
N ALA F 131 12.96 -27.62 -30.42
CA ALA F 131 13.19 -26.94 -31.70
C ALA F 131 12.73 -25.49 -31.67
N ASP F 132 11.76 -25.19 -30.81
CA ASP F 132 11.24 -23.83 -30.62
C ASP F 132 12.30 -22.91 -30.01
N LEU F 133 13.14 -23.45 -29.14
CA LEU F 133 14.16 -22.68 -28.42
C LEU F 133 15.29 -22.18 -29.33
N ALA F 134 15.50 -22.88 -30.45
CA ALA F 134 16.50 -22.50 -31.44
C ALA F 134 15.86 -22.00 -32.73
#